data_5EQU
#
_entry.id   5EQU
#
_cell.length_a   71.908
_cell.length_b   119.742
_cell.length_c   159.447
_cell.angle_alpha   90.00
_cell.angle_beta   90.00
_cell.angle_gamma   90.00
#
_symmetry.space_group_name_H-M   'P 21 21 21'
#
loop_
_entity.id
_entity.type
_entity.pdbx_description
1 polymer SnoN,SnoN
2 non-polymer 'FE (III) ION'
3 non-polymer '2-OXOGLUTARIC ACID'
4 non-polymer 'Nogalamycin RO'
5 water water
#
_entity_poly.entity_id   1
_entity_poly.type   'polypeptide(L)'
_entity_poly.pdbx_seq_one_letter_code
;MAHHHHHHHRSADQETEPGVPADLPAESDPAALERLAARYRRDGYVHVPGVLDAGEVAEYLAEARRLLAHEESVRWGSGA
GTVMDYVADAQLGSDTMRRLATHPRIAALAEYLAGSPLRLFKLEVLLKENKEKDASVPTAPHHDAFAFPFSTAGTALTAW
VALVDVPVERGCMTFVPGSHLLPDPDTGDEPWAGAFTRPGEIWMPRVTVPLRAGDCTFHHARTVHSAGANSTDEPRLSTS
AVYMDATAAYRPTGIAFLDDLPGTGADPLREGAPLTGDRFPLLRRPQTRQPAPARYPLPQQGHGS
;
_entity_poly.pdbx_strand_id   A,B,C,D
#
loop_
_chem_comp.id
_chem_comp.type
_chem_comp.name
_chem_comp.formula
5R6 non-polymer 'Nogalamycin RO' 'C35 H41 N O14'
AKG non-polymer '2-OXOGLUTARIC ACID' 'C5 H6 O5'
FE non-polymer 'FE (III) ION' 'Fe 3'
#
# COMPACT_ATOMS: atom_id res chain seq x y z
N ASP A 29 20.08 -7.16 -22.19
CA ASP A 29 20.85 -7.93 -21.16
C ASP A 29 19.93 -8.28 -19.97
N PRO A 30 19.59 -9.59 -19.83
CA PRO A 30 18.67 -10.05 -18.75
C PRO A 30 19.15 -9.80 -17.30
N ALA A 31 20.34 -10.30 -16.95
CA ALA A 31 21.00 -10.04 -15.66
C ALA A 31 20.97 -8.56 -15.23
N ALA A 32 21.35 -7.67 -16.14
CA ALA A 32 21.30 -6.22 -15.90
C ALA A 32 19.90 -5.69 -15.62
N LEU A 33 18.94 -6.20 -16.37
CA LEU A 33 17.57 -5.82 -16.20
C LEU A 33 17.03 -6.33 -14.85
N GLU A 34 17.39 -7.56 -14.49
CA GLU A 34 17.01 -8.11 -13.16
C GLU A 34 17.64 -7.33 -11.96
N ARG A 35 18.87 -6.87 -12.15
CA ARG A 35 19.55 -6.06 -11.16
C ARG A 35 18.85 -4.72 -11.01
N LEU A 36 18.40 -4.17 -12.14
CA LEU A 36 17.67 -2.90 -12.12
C LEU A 36 16.34 -2.98 -11.35
N ALA A 37 15.70 -4.13 -11.43
CA ALA A 37 14.38 -4.33 -10.85
C ALA A 37 14.56 -4.61 -9.38
N ALA A 38 15.59 -5.38 -9.06
CA ALA A 38 16.01 -5.60 -7.69
C ALA A 38 16.21 -4.27 -6.96
N ARG A 39 16.90 -3.34 -7.60
CA ARG A 39 17.07 -2.01 -7.04
C ARG A 39 15.73 -1.30 -6.87
N TYR A 40 14.89 -1.36 -7.92
CA TYR A 40 13.54 -0.80 -7.88
C TYR A 40 12.72 -1.26 -6.68
N ARG A 41 12.64 -2.57 -6.47
CA ARG A 41 11.91 -3.17 -5.35
C ARG A 41 12.45 -2.80 -3.94
N ARG A 42 13.77 -2.63 -3.83
CA ARG A 42 14.39 -2.32 -2.56
C ARG A 42 14.19 -0.84 -2.25
N ASP A 43 14.40 0.05 -3.21
CA ASP A 43 14.43 1.50 -2.98
C ASP A 43 13.16 2.27 -3.37
N GLY A 44 12.36 1.73 -4.30
CA GLY A 44 11.19 2.42 -4.84
C GLY A 44 11.45 3.47 -5.91
N TYR A 45 12.68 3.50 -6.39
CA TYR A 45 13.03 4.31 -7.53
C TYR A 45 14.29 3.67 -8.15
N VAL A 46 14.57 4.08 -9.37
CA VAL A 46 15.77 3.62 -10.05
C VAL A 46 16.13 4.68 -11.08
N HIS A 47 17.44 4.84 -11.30
CA HIS A 47 17.99 5.82 -12.24
C HIS A 47 18.46 4.98 -13.43
N VAL A 48 18.01 5.32 -14.63
CA VAL A 48 18.46 4.66 -15.87
C VAL A 48 19.07 5.72 -16.81
N PRO A 49 20.40 5.66 -16.97
CA PRO A 49 21.03 6.66 -17.82
C PRO A 49 20.86 6.36 -19.30
N GLY A 50 20.78 7.42 -20.10
CA GLY A 50 20.76 7.32 -21.53
C GLY A 50 19.63 6.50 -22.12
N VAL A 51 18.42 6.69 -21.62
CA VAL A 51 17.27 5.94 -22.14
C VAL A 51 16.84 6.51 -23.50
N LEU A 52 17.06 7.79 -23.72
CA LEU A 52 16.97 8.41 -25.02
C LEU A 52 18.36 8.66 -25.50
N ASP A 53 18.57 8.59 -26.82
CA ASP A 53 19.84 9.03 -27.40
C ASP A 53 19.75 10.52 -27.76
N ALA A 54 20.87 11.08 -28.20
CA ALA A 54 21.01 12.53 -28.34
C ALA A 54 20.02 13.13 -29.33
N GLY A 55 19.77 12.44 -30.45
CA GLY A 55 18.76 12.88 -31.42
C GLY A 55 17.33 12.87 -30.86
N GLU A 56 16.98 11.83 -30.14
CA GLU A 56 15.71 11.78 -29.45
C GLU A 56 15.60 12.90 -28.44
N VAL A 57 16.68 13.18 -27.70
CA VAL A 57 16.65 14.28 -26.71
C VAL A 57 16.26 15.55 -27.44
N ALA A 58 16.92 15.84 -28.56
CA ALA A 58 16.69 17.08 -29.29
C ALA A 58 15.28 17.18 -29.85
N GLU A 59 14.76 16.06 -30.36
CA GLU A 59 13.37 15.94 -30.87
C GLU A 59 12.34 16.29 -29.74
N TYR A 60 12.43 15.55 -28.67
CA TYR A 60 11.49 15.70 -27.58
C TYR A 60 11.64 17.04 -26.86
N LEU A 61 12.86 17.51 -26.75
CA LEU A 61 13.10 18.86 -26.26
C LEU A 61 12.41 19.90 -27.13
N ALA A 62 12.55 19.81 -28.44
CA ALA A 62 12.01 20.81 -29.35
C ALA A 62 10.49 20.97 -29.20
N GLU A 63 9.84 19.83 -29.16
CA GLU A 63 8.41 19.71 -28.97
C GLU A 63 7.96 20.19 -27.58
N ALA A 64 8.64 19.74 -26.54
CA ALA A 64 8.39 20.28 -25.18
C ALA A 64 8.37 21.81 -25.16
N ARG A 65 9.40 22.41 -25.73
CA ARG A 65 9.46 23.86 -25.83
C ARG A 65 8.37 24.48 -26.66
N ARG A 66 8.00 23.81 -27.76
CA ARG A 66 6.93 24.27 -28.65
C ARG A 66 5.64 24.32 -27.85
N LEU A 67 5.35 23.24 -27.14
CA LEU A 67 4.12 23.11 -26.37
C LEU A 67 4.04 24.10 -25.22
N LEU A 68 5.13 24.33 -24.52
CA LEU A 68 5.14 25.33 -23.45
C LEU A 68 5.04 26.76 -23.97
N ALA A 69 5.48 26.97 -25.20
CA ALA A 69 5.44 28.28 -25.82
C ALA A 69 4.11 28.63 -26.48
N HIS A 70 3.31 27.63 -26.82
CA HIS A 70 2.13 27.84 -27.67
C HIS A 70 0.85 27.22 -27.11
N GLU A 71 0.91 26.03 -26.53
CA GLU A 71 -0.26 25.47 -25.83
C GLU A 71 -0.53 26.16 -24.49
N GLU A 72 -1.65 25.79 -23.88
CA GLU A 72 -2.03 26.27 -22.57
C GLU A 72 -1.28 25.40 -21.55
N SER A 73 -0.71 26.04 -20.53
CA SER A 73 -0.15 25.30 -19.42
C SER A 73 -0.82 25.66 -18.11
N VAL A 74 -0.70 24.76 -17.16
CA VAL A 74 -1.19 24.92 -15.81
C VAL A 74 -0.03 25.39 -14.92
N ARG A 75 -0.29 26.37 -14.06
CA ARG A 75 0.65 26.72 -12.99
C ARG A 75 0.35 25.93 -11.73
N TRP A 76 1.33 25.20 -11.22
CA TRP A 76 1.30 24.64 -9.88
C TRP A 76 2.12 25.60 -9.05
N GLY A 77 1.48 26.24 -8.08
CA GLY A 77 2.15 27.25 -7.31
C GLY A 77 1.22 27.91 -6.32
N SER A 78 1.69 29.01 -5.76
CA SER A 78 1.07 29.64 -4.62
C SER A 78 1.67 31.03 -4.44
N GLY A 79 1.15 31.77 -3.47
CA GLY A 79 1.80 33.02 -3.04
C GLY A 79 3.30 32.94 -2.70
N ALA A 80 3.78 31.75 -2.35
CA ALA A 80 5.20 31.48 -2.15
C ALA A 80 6.03 31.41 -3.47
N GLY A 81 5.39 30.97 -4.56
CA GLY A 81 5.91 31.10 -5.91
C GLY A 81 5.55 29.88 -6.69
N THR A 82 6.09 29.78 -7.89
CA THR A 82 5.74 28.72 -8.83
C THR A 82 6.57 27.50 -8.55
N VAL A 83 5.91 26.37 -8.33
CA VAL A 83 6.55 25.07 -8.22
C VAL A 83 6.98 24.65 -9.64
N MET A 84 6.04 24.74 -10.56
CA MET A 84 6.33 24.51 -11.98
C MET A 84 5.17 24.97 -12.80
N ASP A 85 5.42 25.13 -14.10
CA ASP A 85 4.36 25.18 -15.10
C ASP A 85 4.42 23.84 -15.81
N TYR A 86 3.26 23.34 -16.25
CA TYR A 86 3.19 22.09 -16.98
C TYR A 86 2.08 22.02 -17.98
N VAL A 87 2.31 21.23 -19.03
CA VAL A 87 1.31 20.96 -20.06
C VAL A 87 0.62 19.68 -19.64
N ALA A 88 -0.66 19.78 -19.30
CA ALA A 88 -1.43 18.62 -18.86
C ALA A 88 -1.78 17.72 -20.04
N ASP A 89 -1.80 16.42 -19.81
CA ASP A 89 -2.08 15.42 -20.84
C ASP A 89 -1.53 15.79 -22.19
N ALA A 90 -0.24 16.09 -22.21
CA ALA A 90 0.46 16.57 -23.41
C ALA A 90 0.40 15.57 -24.56
N GLN A 91 0.27 14.28 -24.27
CA GLN A 91 0.16 13.27 -25.30
C GLN A 91 -1.10 13.30 -26.16
N LEU A 92 -2.19 13.93 -25.70
CA LEU A 92 -3.43 13.98 -26.47
C LEU A 92 -3.37 14.96 -27.63
N GLY A 93 -2.66 16.06 -27.43
CA GLY A 93 -2.48 17.09 -28.48
C GLY A 93 -1.23 16.92 -29.34
N SER A 94 -0.24 16.16 -28.87
CA SER A 94 1.04 16.02 -29.58
C SER A 94 1.33 14.56 -29.85
N ASP A 95 1.43 14.16 -31.13
CA ASP A 95 1.85 12.78 -31.50
C ASP A 95 3.29 12.49 -31.06
N THR A 96 4.13 13.52 -31.06
CA THR A 96 5.51 13.42 -30.57
C THR A 96 5.56 13.02 -29.08
N MET A 97 4.83 13.76 -28.24
CA MET A 97 4.75 13.36 -26.83
C MET A 97 4.13 11.99 -26.65
N ARG A 98 3.22 11.58 -27.52
CA ARG A 98 2.64 10.24 -27.42
C ARG A 98 3.64 9.12 -27.67
N ARG A 99 4.55 9.37 -28.61
CA ARG A 99 5.66 8.48 -28.86
C ARG A 99 6.65 8.46 -27.69
N LEU A 100 6.94 9.61 -27.07
CA LEU A 100 7.74 9.61 -25.82
C LEU A 100 7.03 8.81 -24.69
N ALA A 101 5.72 9.02 -24.52
CA ALA A 101 4.94 8.29 -23.52
C ALA A 101 4.93 6.80 -23.71
N THR A 102 4.96 6.32 -24.96
CA THR A 102 4.94 4.88 -25.27
C THR A 102 6.26 4.39 -25.90
N HIS A 103 7.33 5.18 -25.74
CA HIS A 103 8.65 4.83 -26.22
C HIS A 103 8.96 3.38 -25.89
N PRO A 104 9.45 2.60 -26.85
CA PRO A 104 9.60 1.15 -26.58
C PRO A 104 10.58 0.78 -25.47
N ARG A 105 11.63 1.57 -25.32
CA ARG A 105 12.60 1.31 -24.27
C ARG A 105 12.03 1.58 -22.87
N ILE A 106 11.53 2.79 -22.69
CA ILE A 106 10.88 3.23 -21.49
C ILE A 106 9.75 2.29 -21.08
N ALA A 107 8.94 1.89 -22.05
CA ALA A 107 7.81 0.98 -21.88
C ALA A 107 8.25 -0.42 -21.48
N ALA A 108 9.25 -0.96 -22.15
CA ALA A 108 9.78 -2.27 -21.72
C ALA A 108 10.37 -2.23 -20.31
N LEU A 109 11.03 -1.13 -19.95
CA LEU A 109 11.59 -0.99 -18.61
C LEU A 109 10.47 -0.90 -17.58
N ALA A 110 9.52 0.00 -17.84
CA ALA A 110 8.34 0.16 -16.95
C ALA A 110 7.62 -1.14 -16.64
N GLU A 111 7.29 -1.91 -17.67
CA GLU A 111 6.59 -3.21 -17.46
C GLU A 111 7.41 -4.25 -16.73
N TYR A 112 8.70 -4.30 -17.02
CA TYR A 112 9.57 -5.20 -16.28
C TYR A 112 9.64 -4.81 -14.80
N LEU A 113 9.72 -3.52 -14.52
CA LEU A 113 9.77 -3.05 -13.14
C LEU A 113 8.46 -3.25 -12.41
N ALA A 114 7.33 -2.95 -13.07
CA ALA A 114 6.02 -3.09 -12.40
C ALA A 114 5.59 -4.54 -12.31
N GLY A 115 6.12 -5.39 -13.18
CA GLY A 115 5.84 -6.81 -13.13
C GLY A 115 4.54 -7.24 -13.76
N SER A 116 3.86 -6.35 -14.47
CA SER A 116 2.66 -6.73 -15.18
C SER A 116 2.38 -5.73 -16.29
N PRO A 117 1.47 -6.07 -17.22
CA PRO A 117 1.28 -5.17 -18.35
C PRO A 117 0.70 -3.86 -17.91
N LEU A 118 1.01 -2.79 -18.63
CA LEU A 118 0.66 -1.45 -18.23
C LEU A 118 -0.03 -0.67 -19.36
N ARG A 119 -0.67 0.43 -18.95
CA ARG A 119 -1.24 1.40 -19.82
C ARG A 119 -0.70 2.74 -19.41
N LEU A 120 -0.64 3.65 -20.37
CA LEU A 120 -0.38 5.02 -20.06
C LEU A 120 -1.63 5.67 -19.46
N PHE A 121 -1.45 6.39 -18.38
CA PHE A 121 -2.52 7.23 -17.83
C PHE A 121 -2.39 8.66 -18.30
N LYS A 122 -1.18 9.21 -18.15
CA LYS A 122 -0.92 10.60 -18.62
C LYS A 122 0.55 10.86 -18.81
N LEU A 123 0.86 11.87 -19.63
CA LEU A 123 2.18 12.48 -19.64
C LEU A 123 2.08 13.99 -19.56
N GLU A 124 2.96 14.56 -18.74
CA GLU A 124 3.05 15.99 -18.58
C GLU A 124 4.42 16.52 -18.97
N VAL A 125 4.43 17.67 -19.59
CA VAL A 125 5.63 18.38 -19.89
C VAL A 125 5.86 19.36 -18.76
N LEU A 126 7.01 19.28 -18.11
CA LEU A 126 7.29 20.02 -16.85
C LEU A 126 8.35 21.10 -17.03
N LEU A 127 8.11 22.26 -16.44
CA LEU A 127 9.01 23.41 -16.51
C LEU A 127 9.19 24.08 -15.13
N LYS A 128 10.43 24.15 -14.62
CA LYS A 128 10.78 25.05 -13.52
C LYS A 128 11.74 26.03 -14.05
N GLU A 129 11.42 27.31 -13.96
CA GLU A 129 12.36 28.34 -14.38
C GLU A 129 12.13 29.59 -13.58
N ASN A 130 13.15 30.45 -13.53
CA ASN A 130 13.03 31.73 -12.86
C ASN A 130 12.53 32.76 -13.85
N LYS A 131 11.55 33.55 -13.42
CA LYS A 131 11.02 34.66 -14.19
C LYS A 131 11.29 35.89 -13.38
N GLU A 132 11.08 37.06 -13.98
CA GLU A 132 11.42 38.32 -13.34
C GLU A 132 10.77 38.45 -11.95
N LYS A 133 9.45 38.24 -11.87
CA LYS A 133 8.72 38.43 -10.60
C LYS A 133 8.48 37.13 -9.85
N ASP A 134 9.01 36.04 -10.36
CA ASP A 134 8.54 34.71 -9.97
C ASP A 134 9.72 33.73 -9.96
N ALA A 135 10.37 33.64 -8.79
CA ALA A 135 11.44 32.71 -8.59
C ALA A 135 10.87 31.32 -8.40
N SER A 136 11.47 30.38 -9.12
CA SER A 136 11.24 28.96 -8.93
C SER A 136 11.38 28.62 -7.44
N VAL A 137 10.54 27.70 -6.95
CA VAL A 137 10.64 27.19 -5.59
C VAL A 137 10.72 25.66 -5.65
N PRO A 138 11.10 25.01 -4.54
CA PRO A 138 11.12 23.54 -4.53
C PRO A 138 9.75 22.87 -4.77
N THR A 139 9.79 21.63 -5.24
CA THR A 139 8.67 20.71 -5.20
C THR A 139 8.76 20.01 -3.84
N ALA A 140 7.81 20.32 -2.96
CA ALA A 140 7.80 19.79 -1.60
C ALA A 140 7.62 18.29 -1.57
N PRO A 141 8.14 17.64 -0.54
CA PRO A 141 7.97 16.19 -0.48
C PRO A 141 6.50 15.81 -0.51
N HIS A 142 6.18 14.72 -1.19
CA HIS A 142 4.81 14.31 -1.38
C HIS A 142 4.76 12.86 -1.72
N HIS A 143 3.57 12.32 -1.77
CA HIS A 143 3.25 10.90 -1.92
C HIS A 143 2.18 10.89 -3.02
N ASP A 144 2.58 10.57 -4.25
CA ASP A 144 1.66 10.73 -5.39
C ASP A 144 0.46 9.79 -5.42
N ALA A 145 0.59 8.60 -4.81
CA ALA A 145 -0.26 7.45 -5.10
C ALA A 145 -1.73 7.75 -5.18
N PHE A 146 -2.30 8.27 -4.11
CA PHE A 146 -3.73 8.37 -4.12
C PHE A 146 -4.24 9.67 -4.75
N ALA A 147 -3.33 10.49 -5.28
CA ALA A 147 -3.72 11.57 -6.22
C ALA A 147 -3.95 11.09 -7.67
N PHE A 148 -3.85 9.78 -7.94
CA PHE A 148 -4.10 9.24 -9.25
C PHE A 148 -5.48 8.63 -9.26
N PRO A 149 -6.40 9.14 -10.12
CA PRO A 149 -7.79 8.65 -10.03
C PRO A 149 -8.06 7.29 -10.69
N PHE A 150 -7.35 6.25 -10.25
CA PHE A 150 -7.60 4.89 -10.72
C PHE A 150 -7.42 3.83 -9.65
N SER A 151 -8.00 2.65 -9.87
CA SER A 151 -8.15 1.62 -8.85
C SER A 151 -6.78 1.14 -8.31
N THR A 152 -5.80 1.00 -9.20
CA THR A 152 -4.44 0.51 -8.91
C THR A 152 -3.41 1.61 -8.61
N ALA A 153 -3.89 2.79 -8.19
CA ALA A 153 -3.07 3.92 -7.82
C ALA A 153 -1.89 3.57 -6.90
N GLY A 154 -2.10 2.66 -5.96
CA GLY A 154 -1.07 2.26 -5.01
C GLY A 154 0.15 1.54 -5.61
N THR A 155 0.07 1.12 -6.88
CA THR A 155 1.16 0.43 -7.54
C THR A 155 1.57 1.07 -8.87
N ALA A 156 1.11 2.29 -9.11
CA ALA A 156 1.45 3.02 -10.29
C ALA A 156 2.97 3.29 -10.32
N LEU A 157 3.47 3.75 -11.45
CA LEU A 157 4.91 3.94 -11.64
C LEU A 157 5.07 5.12 -12.55
N THR A 158 6.00 6.00 -12.21
CA THR A 158 6.23 7.28 -12.92
C THR A 158 7.63 7.31 -13.59
N ALA A 159 7.68 7.66 -14.89
CA ALA A 159 8.96 7.78 -15.59
C ALA A 159 9.19 9.25 -15.75
N TRP A 160 10.28 9.76 -15.18
CA TRP A 160 10.62 11.20 -15.28
C TRP A 160 11.82 11.29 -16.21
N VAL A 161 11.66 11.89 -17.38
CA VAL A 161 12.71 11.95 -18.42
C VAL A 161 13.33 13.34 -18.52
N ALA A 162 14.62 13.42 -18.27
CA ALA A 162 15.36 14.66 -18.41
C ALA A 162 15.60 14.98 -19.92
N LEU A 163 15.23 16.19 -20.32
CA LEU A 163 15.40 16.69 -21.70
C LEU A 163 16.45 17.77 -21.80
N VAL A 164 16.90 18.23 -20.64
CA VAL A 164 18.13 18.96 -20.49
C VAL A 164 18.92 18.32 -19.36
N ASP A 165 20.14 18.81 -19.15
CA ASP A 165 20.93 18.39 -18.02
C ASP A 165 20.27 18.97 -16.81
N VAL A 166 20.11 18.15 -15.78
CA VAL A 166 19.51 18.59 -14.53
C VAL A 166 20.47 18.31 -13.38
N PRO A 167 21.46 19.20 -13.20
CA PRO A 167 22.26 19.03 -11.98
C PRO A 167 21.40 19.43 -10.77
N VAL A 168 21.91 19.16 -9.57
CA VAL A 168 21.22 19.49 -8.32
C VAL A 168 20.64 20.93 -8.30
N GLU A 169 21.41 21.90 -8.71
CA GLU A 169 20.97 23.30 -8.61
C GLU A 169 19.87 23.72 -9.59
N ARG A 170 19.64 22.88 -10.60
CA ARG A 170 18.58 23.10 -11.59
C ARG A 170 17.23 22.47 -11.18
N GLY A 171 17.22 21.66 -10.12
CA GLY A 171 15.98 21.20 -9.49
C GLY A 171 15.73 19.74 -9.72
N CYS A 172 16.77 18.92 -9.59
CA CYS A 172 16.64 17.47 -9.72
C CYS A 172 15.90 16.94 -8.51
N MET A 173 15.57 15.66 -8.54
CA MET A 173 14.67 15.07 -7.58
C MET A 173 15.48 14.41 -6.45
N THR A 174 14.82 14.27 -5.30
CA THR A 174 15.32 13.52 -4.16
C THR A 174 14.28 12.46 -3.77
N PHE A 175 14.73 11.24 -3.48
CA PHE A 175 13.85 10.14 -3.13
C PHE A 175 14.22 9.66 -1.73
N VAL A 176 13.25 9.10 -1.00
CA VAL A 176 13.48 8.41 0.23
C VAL A 176 13.46 6.91 -0.01
N PRO A 177 14.62 6.27 -0.05
CA PRO A 177 14.61 4.87 -0.42
C PRO A 177 13.87 4.02 0.55
N GLY A 178 13.10 3.10 0.05
CA GLY A 178 12.38 2.18 0.93
C GLY A 178 11.05 2.75 1.43
N SER A 179 10.80 4.04 1.20
CA SER A 179 9.56 4.67 1.66
C SER A 179 8.28 4.08 1.04
N HIS A 180 8.39 3.56 -0.17
CA HIS A 180 7.30 2.77 -0.81
C HIS A 180 6.82 1.54 -0.02
N LEU A 181 7.55 1.16 1.02
CA LEU A 181 7.17 0.01 1.86
C LEU A 181 6.44 0.36 3.15
N LEU A 182 6.37 1.66 3.46
CA LEU A 182 5.72 2.16 4.65
C LEU A 182 4.20 2.09 4.47
N PRO A 183 3.47 1.94 5.60
CA PRO A 183 2.02 2.10 5.57
C PRO A 183 1.63 3.46 4.98
N ASP A 184 0.57 3.50 4.19
CA ASP A 184 0.13 4.77 3.60
C ASP A 184 -0.12 5.83 4.66
N PRO A 185 0.01 7.11 4.30
CA PRO A 185 -0.30 8.15 5.27
C PRO A 185 -1.78 8.24 5.66
N ASP A 186 -2.02 8.67 6.91
CA ASP A 186 -3.37 8.93 7.42
C ASP A 186 -4.17 9.81 6.42
N THR A 187 -5.41 9.40 6.13
CA THR A 187 -6.10 9.98 4.97
C THR A 187 -6.50 11.43 5.30
N GLY A 188 -5.69 12.39 4.84
CA GLY A 188 -6.01 13.84 4.97
C GLY A 188 -7.01 14.24 3.90
N ASP A 189 -7.13 15.54 3.64
CA ASP A 189 -7.92 16.06 2.50
C ASP A 189 -7.14 16.12 1.19
N GLU A 190 -5.83 16.01 1.29
CA GLU A 190 -5.07 16.13 0.12
C GLU A 190 -4.55 14.76 -0.20
N PRO A 191 -4.93 14.24 -1.38
CA PRO A 191 -4.58 12.85 -1.73
C PRO A 191 -3.09 12.61 -1.95
N TRP A 192 -2.30 13.68 -2.13
CA TRP A 192 -0.81 13.66 -2.29
C TRP A 192 -0.03 13.94 -0.98
N ALA A 193 -0.77 14.08 0.14
CA ALA A 193 -0.19 14.55 1.42
C ALA A 193 0.39 13.41 2.25
N GLY A 194 1.07 13.77 3.34
CA GLY A 194 1.50 12.80 4.33
C GLY A 194 2.93 12.30 4.26
N ALA A 195 3.75 12.91 3.40
CA ALA A 195 5.20 12.64 3.43
C ALA A 195 5.76 13.08 4.77
N PHE A 196 6.62 12.25 5.35
CA PHE A 196 7.31 12.52 6.64
C PHE A 196 6.37 12.69 7.82
N THR A 197 5.26 11.94 7.76
CA THR A 197 4.31 11.83 8.85
C THR A 197 4.30 10.43 9.50
N ARG A 198 4.88 9.39 8.88
CA ARG A 198 4.87 8.03 9.48
C ARG A 198 5.91 7.92 10.60
N PRO A 199 5.71 6.96 11.53
CA PRO A 199 6.69 6.84 12.64
C PRO A 199 8.08 6.44 12.11
N GLY A 200 9.13 7.08 12.61
CA GLY A 200 10.50 6.82 12.13
C GLY A 200 10.92 7.44 10.81
N GLU A 201 9.94 7.99 10.07
CA GLU A 201 10.17 8.35 8.67
C GLU A 201 11.21 9.46 8.48
N ILE A 202 11.17 10.49 9.32
CA ILE A 202 12.10 11.62 9.20
C ILE A 202 13.57 11.20 9.40
N TRP A 203 13.77 10.01 9.98
CA TRP A 203 15.11 9.45 10.21
C TRP A 203 15.65 8.64 9.01
N MET A 204 14.85 8.51 7.96
CA MET A 204 15.23 7.76 6.82
C MET A 204 16.21 8.61 5.98
N PRO A 205 17.24 7.97 5.44
CA PRO A 205 18.14 8.70 4.53
C PRO A 205 17.45 9.05 3.22
N ARG A 206 17.92 10.13 2.60
CA ARG A 206 17.37 10.72 1.42
C ARG A 206 18.44 10.82 0.31
N VAL A 207 18.04 10.48 -0.93
CA VAL A 207 18.95 10.41 -2.07
C VAL A 207 18.60 11.37 -3.15
N THR A 208 19.49 12.33 -3.37
CA THR A 208 19.39 13.33 -4.41
C THR A 208 20.08 12.78 -5.69
N VAL A 209 19.38 12.85 -6.83
CA VAL A 209 19.76 12.17 -8.05
C VAL A 209 19.85 13.16 -9.19
N PRO A 210 20.98 13.86 -9.33
CA PRO A 210 21.17 14.65 -10.58
C PRO A 210 21.12 13.73 -11.82
N LEU A 211 20.65 14.28 -12.94
CA LEU A 211 20.44 13.52 -14.19
C LEU A 211 20.98 14.32 -15.31
N ARG A 212 21.54 13.61 -16.29
CA ARG A 212 21.92 14.22 -17.57
CA ARG A 212 21.92 14.21 -17.57
C ARG A 212 20.79 14.08 -18.58
N ALA A 213 20.80 14.95 -19.57
CA ALA A 213 19.78 14.94 -20.60
C ALA A 213 19.70 13.54 -21.21
N GLY A 214 18.49 12.99 -21.26
CA GLY A 214 18.24 11.64 -21.82
C GLY A 214 18.25 10.51 -20.81
N ASP A 215 18.67 10.79 -19.57
CA ASP A 215 18.44 9.88 -18.43
C ASP A 215 16.96 9.98 -18.00
N CYS A 216 16.44 8.90 -17.40
CA CYS A 216 15.20 8.95 -16.66
C CYS A 216 15.34 8.33 -15.25
N THR A 217 14.40 8.67 -14.36
CA THR A 217 14.13 7.85 -13.16
C THR A 217 12.75 7.20 -13.35
N PHE A 218 12.59 5.99 -12.80
CA PHE A 218 11.30 5.41 -12.52
C PHE A 218 11.09 5.42 -11.00
N HIS A 219 9.92 5.90 -10.53
CA HIS A 219 9.54 5.75 -9.12
C HIS A 219 8.12 5.25 -8.87
N HIS A 220 8.03 4.40 -7.85
CA HIS A 220 6.79 3.83 -7.32
C HIS A 220 5.88 4.94 -6.77
N ALA A 221 4.59 4.72 -6.92
CA ALA A 221 3.55 5.69 -6.49
C ALA A 221 3.60 6.05 -4.98
N ARG A 222 3.97 5.09 -4.17
CA ARG A 222 4.17 5.28 -2.72
C ARG A 222 5.54 5.83 -2.27
N THR A 223 6.47 6.07 -3.21
CA THR A 223 7.79 6.54 -2.87
C THR A 223 7.75 8.04 -2.63
N VAL A 224 8.24 8.48 -1.48
CA VAL A 224 8.24 9.89 -1.15
C VAL A 224 9.38 10.55 -1.90
N HIS A 225 9.10 11.68 -2.52
CA HIS A 225 10.08 12.39 -3.31
C HIS A 225 9.86 13.84 -3.31
N SER A 226 10.90 14.59 -3.65
CA SER A 226 10.87 16.03 -3.71
C SER A 226 11.72 16.50 -4.89
N ALA A 227 11.81 17.79 -5.08
CA ALA A 227 12.76 18.36 -6.01
C ALA A 227 13.09 19.78 -5.61
N GLY A 228 14.33 20.19 -5.91
CA GLY A 228 14.80 21.51 -5.56
C GLY A 228 14.20 22.60 -6.42
N ALA A 229 14.39 23.84 -5.99
CA ALA A 229 14.20 24.95 -6.85
C ALA A 229 15.22 24.86 -7.97
N ASN A 230 14.91 25.48 -9.10
CA ASN A 230 15.86 25.73 -10.13
C ASN A 230 16.47 27.07 -9.86
N SER A 231 17.70 27.05 -9.34
CA SER A 231 18.43 28.28 -8.99
C SER A 231 19.41 28.70 -10.06
N THR A 232 19.29 28.13 -11.26
CA THR A 232 20.11 28.57 -12.41
C THR A 232 19.22 29.36 -13.36
N ASP A 233 19.85 29.96 -14.37
CA ASP A 233 19.14 30.78 -15.35
C ASP A 233 18.82 30.00 -16.64
N GLU A 234 18.81 28.67 -16.56
CA GLU A 234 18.45 27.81 -17.67
C GLU A 234 17.29 26.90 -17.25
N PRO A 235 16.22 26.89 -18.04
CA PRO A 235 15.02 26.21 -17.59
C PRO A 235 15.21 24.72 -17.36
N ARG A 236 14.51 24.16 -16.40
CA ARG A 236 14.47 22.74 -16.20
C ARG A 236 13.28 22.18 -17.01
N LEU A 237 13.60 21.32 -17.98
CA LEU A 237 12.65 20.79 -18.95
C LEU A 237 12.73 19.29 -18.86
N SER A 238 11.56 18.67 -18.72
CA SER A 238 11.44 17.22 -18.55
C SER A 238 10.01 16.81 -18.84
N THR A 239 9.79 15.51 -18.89
CA THR A 239 8.45 14.98 -18.93
C THR A 239 8.30 13.99 -17.81
N SER A 240 7.07 13.87 -17.32
CA SER A 240 6.71 12.89 -16.28
C SER A 240 5.49 12.15 -16.78
N ALA A 241 5.61 10.84 -16.89
CA ALA A 241 4.58 10.00 -17.42
C ALA A 241 4.18 8.99 -16.37
N VAL A 242 2.89 8.86 -16.16
CA VAL A 242 2.35 7.90 -15.21
C VAL A 242 1.81 6.67 -15.97
N TYR A 243 2.19 5.50 -15.44
CA TYR A 243 1.78 4.23 -15.98
C TYR A 243 1.01 3.47 -14.93
N MET A 244 -0.05 2.82 -15.37
CA MET A 244 -0.95 2.09 -14.51
C MET A 244 -1.12 0.66 -14.99
N ASP A 245 -1.58 -0.18 -14.08
CA ASP A 245 -1.97 -1.56 -14.38
C ASP A 245 -2.97 -1.59 -15.58
N ALA A 246 -2.83 -2.59 -16.46
CA ALA A 246 -3.57 -2.62 -17.72
C ALA A 246 -5.07 -2.78 -17.49
N THR A 247 -5.44 -3.28 -16.31
CA THR A 247 -6.80 -3.50 -15.87
C THR A 247 -7.36 -2.41 -14.96
N ALA A 248 -6.68 -1.27 -14.83
CA ALA A 248 -7.11 -0.21 -13.91
C ALA A 248 -8.49 0.31 -14.29
N ALA A 249 -9.22 0.79 -13.29
CA ALA A 249 -10.52 1.39 -13.49
C ALA A 249 -10.60 2.74 -12.80
N TYR A 250 -11.54 3.56 -13.24
CA TYR A 250 -11.67 4.91 -12.71
C TYR A 250 -12.00 4.87 -11.21
N ARG A 251 -11.33 5.74 -10.46
CA ARG A 251 -11.56 5.89 -9.01
C ARG A 251 -11.44 7.38 -8.71
N PRO A 252 -12.55 8.08 -8.40
CA PRO A 252 -12.37 9.51 -8.11
C PRO A 252 -11.58 9.78 -6.82
N THR A 253 -10.74 10.81 -6.83
CA THR A 253 -10.02 11.25 -5.65
C THR A 253 -10.84 12.15 -4.76
N GLY A 254 -11.82 12.83 -5.34
CA GLY A 254 -12.53 13.91 -4.69
C GLY A 254 -12.07 15.29 -5.11
N ILE A 255 -10.88 15.41 -5.71
CA ILE A 255 -10.36 16.72 -6.18
C ILE A 255 -10.72 16.95 -7.66
N ALA A 256 -11.45 18.01 -7.96
CA ALA A 256 -12.06 18.21 -9.28
C ALA A 256 -11.00 18.18 -10.37
N PHE A 257 -9.92 18.94 -10.20
CA PHE A 257 -8.92 19.04 -11.23
C PHE A 257 -8.12 17.74 -11.47
N LEU A 258 -8.07 16.82 -10.51
CA LEU A 258 -7.49 15.49 -10.75
C LEU A 258 -8.48 14.53 -11.39
N ASP A 259 -9.77 14.66 -11.04
CA ASP A 259 -10.82 13.72 -11.47
C ASP A 259 -11.34 13.98 -12.86
N ASP A 260 -11.18 15.20 -13.34
CA ASP A 260 -11.77 15.61 -14.62
C ASP A 260 -10.78 15.31 -15.76
N LEU A 261 -10.90 14.11 -16.33
CA LEU A 261 -9.98 13.61 -17.35
C LEU A 261 -10.37 14.02 -18.76
N PRO A 262 -9.54 14.82 -19.44
CA PRO A 262 -9.94 15.21 -20.79
C PRO A 262 -9.86 14.05 -21.78
N GLY A 263 -10.53 14.21 -22.91
CA GLY A 263 -10.61 13.21 -23.96
C GLY A 263 -11.17 11.86 -23.52
N THR A 264 -12.11 11.88 -22.60
CA THR A 264 -12.76 10.65 -22.13
C THR A 264 -14.27 10.70 -22.36
N GLY A 265 -14.74 11.59 -23.25
CA GLY A 265 -16.16 11.73 -23.59
C GLY A 265 -16.86 12.91 -22.95
N ALA A 266 -18.11 13.11 -23.35
CA ALA A 266 -18.93 14.27 -22.91
C ALA A 266 -19.22 14.27 -21.41
N ASP A 267 -19.49 13.09 -20.87
CA ASP A 267 -20.03 12.95 -19.52
C ASP A 267 -18.93 12.58 -18.58
N PRO A 268 -19.10 12.92 -17.28
CA PRO A 268 -18.07 12.51 -16.32
C PRO A 268 -18.01 10.98 -16.22
N LEU A 269 -16.83 10.47 -15.96
CA LEU A 269 -16.63 9.05 -15.77
C LEU A 269 -17.18 8.58 -14.44
N ARG A 270 -17.57 7.31 -14.41
CA ARG A 270 -18.16 6.72 -13.23
C ARG A 270 -17.14 5.82 -12.55
N GLU A 271 -17.13 5.82 -11.23
CA GLU A 271 -16.33 4.89 -10.49
C GLU A 271 -16.44 3.47 -11.03
N GLY A 272 -15.28 2.83 -11.22
CA GLY A 272 -15.18 1.45 -11.66
C GLY A 272 -15.22 1.28 -13.16
N ALA A 273 -15.37 2.37 -13.91
CA ALA A 273 -15.33 2.32 -15.38
C ALA A 273 -13.92 2.01 -15.90
N PRO A 274 -13.79 1.04 -16.83
CA PRO A 274 -12.43 0.69 -17.29
C PRO A 274 -11.75 1.81 -18.05
N LEU A 275 -10.44 1.90 -17.88
CA LEU A 275 -9.67 2.88 -18.60
C LEU A 275 -8.89 2.10 -19.66
N THR A 276 -9.45 2.06 -20.87
CA THR A 276 -8.96 1.22 -21.99
C THR A 276 -8.96 2.03 -23.24
N GLY A 277 -8.66 1.42 -24.38
CA GLY A 277 -8.67 2.11 -25.67
C GLY A 277 -7.44 3.00 -25.85
N ASP A 278 -7.46 3.74 -26.97
CA ASP A 278 -6.40 4.69 -27.36
C ASP A 278 -6.14 5.83 -26.41
N ARG A 279 -7.14 6.20 -25.63
CA ARG A 279 -6.99 7.20 -24.60
C ARG A 279 -6.05 6.75 -23.51
N PHE A 280 -6.04 5.45 -23.22
CA PHE A 280 -5.25 4.88 -22.14
C PHE A 280 -4.48 3.66 -22.70
N PRO A 281 -3.50 3.93 -23.58
CA PRO A 281 -3.07 2.85 -24.46
C PRO A 281 -2.19 1.84 -23.77
N LEU A 282 -2.35 0.58 -24.14
CA LEU A 282 -1.43 -0.48 -23.74
C LEU A 282 -0.01 -0.10 -24.14
N LEU A 283 0.97 -0.36 -23.27
CA LEU A 283 2.37 -0.05 -23.58
C LEU A 283 2.88 -1.04 -24.59
N ARG A 284 2.65 -2.31 -24.27
CA ARG A 284 3.01 -3.44 -25.10
C ARG A 284 2.37 -3.36 -26.50
N ASP B 29 27.73 -10.15 16.07
CA ASP B 29 27.22 -10.87 14.85
C ASP B 29 28.14 -10.63 13.63
N PRO B 30 28.92 -11.66 13.21
CA PRO B 30 29.85 -11.56 12.06
C PRO B 30 29.22 -11.17 10.72
N ALA B 31 28.20 -11.90 10.29
CA ALA B 31 27.52 -11.60 9.03
C ALA B 31 27.10 -10.14 9.00
N ALA B 32 26.39 -9.70 10.04
CA ALA B 32 26.03 -8.28 10.22
C ALA B 32 27.22 -7.38 10.07
N LEU B 33 28.29 -7.65 10.80
CA LEU B 33 29.50 -6.84 10.72
C LEU B 33 30.13 -6.80 9.31
N GLU B 34 30.17 -7.95 8.64
CA GLU B 34 30.74 -8.03 7.31
C GLU B 34 29.90 -7.24 6.27
N ARG B 35 28.57 -7.35 6.35
CA ARG B 35 27.65 -6.47 5.62
C ARG B 35 27.90 -4.98 5.82
N LEU B 36 28.07 -4.57 7.06
CA LEU B 36 28.41 -3.18 7.35
C LEU B 36 29.72 -2.72 6.68
N ALA B 37 30.70 -3.62 6.64
CA ALA B 37 32.01 -3.36 6.00
C ALA B 37 31.90 -3.28 4.47
N ALA B 38 31.17 -4.23 3.89
CA ALA B 38 30.80 -4.16 2.46
C ALA B 38 30.18 -2.81 2.13
N ARG B 39 29.29 -2.31 2.99
CA ARG B 39 28.64 -1.02 2.76
C ARG B 39 29.61 0.13 2.82
N TYR B 40 30.49 0.11 3.79
CA TYR B 40 31.57 1.11 3.92
C TYR B 40 32.51 1.09 2.71
N ARG B 41 32.94 -0.08 2.29
CA ARG B 41 33.77 -0.19 1.08
C ARG B 41 33.09 0.35 -0.16
N ARG B 42 31.80 0.05 -0.32
CA ARG B 42 31.05 0.48 -1.49
C ARG B 42 30.79 1.98 -1.46
N ASP B 43 30.29 2.50 -0.33
CA ASP B 43 29.83 3.88 -0.27
C ASP B 43 30.80 4.93 0.23
N GLY B 44 31.80 4.52 1.01
CA GLY B 44 32.73 5.46 1.62
C GLY B 44 32.27 6.04 2.97
N TYR B 45 31.14 5.53 3.45
CA TYR B 45 30.54 5.92 4.72
C TYR B 45 29.57 4.85 5.09
N VAL B 46 29.19 4.86 6.35
CA VAL B 46 28.20 3.94 6.85
C VAL B 46 27.55 4.57 8.11
N HIS B 47 26.27 4.28 8.29
CA HIS B 47 25.47 4.73 9.45
C HIS B 47 25.29 3.55 10.41
N VAL B 48 25.70 3.76 11.66
CA VAL B 48 25.51 2.79 12.76
C VAL B 48 24.60 3.41 13.87
N PRO B 49 23.32 2.96 13.96
CA PRO B 49 22.49 3.52 15.03
C PRO B 49 22.78 2.97 16.44
N GLY B 50 22.53 3.82 17.42
CA GLY B 50 22.52 3.43 18.84
C GLY B 50 23.86 2.86 19.30
N VAL B 51 24.94 3.50 18.92
CA VAL B 51 26.27 3.03 19.24
C VAL B 51 26.55 3.34 20.72
N LEU B 52 25.99 4.47 21.18
CA LEU B 52 25.87 4.83 22.59
C LEU B 52 24.47 4.56 23.08
N ASP B 53 24.31 4.07 24.34
CA ASP B 53 23.00 4.09 25.03
C ASP B 53 22.63 5.53 25.46
N ALA B 54 21.48 5.69 26.13
CA ALA B 54 21.02 7.01 26.59
C ALA B 54 22.01 7.56 27.63
N GLY B 55 22.23 6.73 28.69
CA GLY B 55 23.02 7.12 29.90
C GLY B 55 24.45 7.75 29.69
N GLU B 56 24.93 7.17 28.40
CA GLU B 56 26.21 7.54 27.96
C GLU B 56 26.19 9.01 27.09
N VAL B 57 25.00 8.90 26.37
CA VAL B 57 24.71 10.10 25.55
C VAL B 57 24.72 11.34 26.66
N ALA B 58 24.00 11.15 27.72
CA ALA B 58 23.73 12.27 28.77
C ALA B 58 25.06 12.60 29.47
N GLU B 59 25.95 11.76 29.58
CA GLU B 59 27.28 11.99 30.21
C GLU B 59 28.12 12.73 29.03
N TYR B 60 28.12 12.23 27.78
CA TYR B 60 29.03 12.86 26.72
C TYR B 60 28.49 14.11 26.01
N LEU B 61 27.08 14.26 26.51
CA LEU B 61 26.46 15.49 26.12
C LEU B 61 26.89 16.54 27.11
N ALA B 62 26.69 16.22 28.40
CA ALA B 62 26.99 17.18 29.46
C ALA B 62 28.43 17.71 29.42
N GLU B 63 29.34 16.81 28.94
CA GLU B 63 30.74 17.17 28.87
C GLU B 63 30.99 18.09 27.68
N ALA B 64 30.34 17.78 26.57
CA ALA B 64 30.40 18.58 25.36
C ALA B 64 30.00 20.05 25.65
N ARG B 65 28.86 20.22 26.33
CA ARG B 65 28.34 21.56 26.67
C ARG B 65 29.26 22.26 27.66
N ARG B 66 29.69 21.55 28.70
CA ARG B 66 30.68 22.07 29.65
C ARG B 66 31.90 22.65 28.92
N LEU B 67 32.48 21.86 28.01
CA LEU B 67 33.67 22.29 27.28
C LEU B 67 33.40 23.48 26.35
N LEU B 68 32.24 23.51 25.72
CA LEU B 68 31.87 24.63 24.81
C LEU B 68 31.64 25.95 25.57
N ALA B 69 31.13 25.82 26.79
CA ALA B 69 30.82 26.98 27.63
C ALA B 69 32.04 27.54 28.36
N HIS B 70 32.99 26.65 28.70
CA HIS B 70 34.06 26.99 29.63
C HIS B 70 35.43 27.01 28.94
N GLU B 71 35.77 25.93 28.23
CA GLU B 71 36.99 25.91 27.41
C GLU B 71 36.92 26.91 26.24
N GLU B 72 38.07 27.11 25.61
CA GLU B 72 38.19 27.94 24.43
C GLU B 72 37.85 27.12 23.20
N SER B 73 37.25 27.80 22.22
CA SER B 73 36.73 27.16 21.02
C SER B 73 37.23 27.89 19.80
N VAL B 74 37.33 27.16 18.70
CA VAL B 74 37.75 27.73 17.44
C VAL B 74 36.51 27.97 16.62
N ARG B 75 36.41 29.16 16.05
CA ARG B 75 35.34 29.50 15.14
C ARG B 75 35.83 29.15 13.75
N TRP B 76 35.16 28.20 13.09
CA TRP B 76 35.28 28.00 11.64
C TRP B 76 34.17 28.84 11.05
N GLY B 77 34.54 29.85 10.28
CA GLY B 77 33.58 30.82 9.81
C GLY B 77 33.81 31.30 8.40
N SER B 78 33.27 32.50 8.15
CA SER B 78 33.60 33.35 7.00
C SER B 78 32.82 34.66 7.21
N GLY B 79 32.91 35.58 6.26
CA GLY B 79 31.96 36.68 6.13
C GLY B 79 30.54 36.18 5.86
N ALA B 80 30.42 34.99 5.22
CA ALA B 80 29.10 34.29 5.02
C ALA B 80 28.39 33.95 6.34
N GLY B 81 29.16 33.44 7.30
CA GLY B 81 28.71 33.26 8.68
C GLY B 81 29.40 32.07 9.32
N THR B 82 28.92 31.68 10.49
CA THR B 82 29.54 30.59 11.25
C THR B 82 29.15 29.20 10.74
N VAL B 83 30.13 28.56 10.13
CA VAL B 83 30.06 27.15 9.79
C VAL B 83 29.93 26.34 11.06
N MET B 84 30.82 26.56 12.02
CA MET B 84 30.73 25.91 13.32
C MET B 84 31.69 26.54 14.30
N ASP B 85 31.44 26.27 15.57
CA ASP B 85 32.40 26.51 16.61
C ASP B 85 32.76 25.10 17.05
N TYR B 86 34.04 24.90 17.41
CA TYR B 86 34.53 23.60 17.86
C TYR B 86 35.62 23.69 18.93
N VAL B 87 35.59 22.70 19.83
CA VAL B 87 36.70 22.45 20.72
C VAL B 87 37.70 21.51 20.05
N ALA B 88 38.87 22.05 19.67
CA ALA B 88 40.01 21.32 19.11
C ALA B 88 40.69 20.40 20.12
N ASP B 89 41.10 19.21 19.66
CA ASP B 89 41.77 18.21 20.50
C ASP B 89 41.18 18.09 21.90
N ALA B 90 39.85 18.02 21.92
CA ALA B 90 39.07 18.00 23.16
C ALA B 90 39.45 16.83 24.07
N GLN B 91 39.93 15.72 23.50
CA GLN B 91 40.37 14.59 24.30
C GLN B 91 41.53 14.91 25.26
N LEU B 92 42.36 15.91 24.94
CA LEU B 92 43.55 16.22 25.76
C LEU B 92 43.20 16.80 27.11
N GLY B 93 42.27 17.75 27.12
CA GLY B 93 41.82 18.41 28.38
C GLY B 93 40.75 17.65 29.17
N SER B 94 40.05 16.69 28.55
CA SER B 94 38.86 15.97 29.10
C SER B 94 39.10 14.45 29.03
N ASP B 95 39.14 13.75 30.18
CA ASP B 95 39.19 12.26 30.19
C ASP B 95 37.90 11.67 29.62
N THR B 96 36.78 12.34 29.88
CA THR B 96 35.47 11.92 29.44
C THR B 96 35.40 11.82 27.94
N MET B 97 35.89 12.85 27.26
CA MET B 97 35.99 12.86 25.77
C MET B 97 36.97 11.84 25.23
N ARG B 98 38.04 11.64 25.98
CA ARG B 98 39.00 10.58 25.68
C ARG B 98 38.27 9.20 25.71
N ARG B 99 37.42 8.99 26.74
CA ARG B 99 36.61 7.77 26.84
C ARG B 99 35.60 7.60 25.71
N LEU B 100 35.16 8.70 25.11
CA LEU B 100 34.32 8.63 23.88
C LEU B 100 35.16 8.35 22.63
N ALA B 101 36.30 9.05 22.49
CA ALA B 101 37.28 8.84 21.40
C ALA B 101 37.72 7.36 21.27
N THR B 102 37.98 6.73 22.40
CA THR B 102 38.36 5.32 22.47
C THR B 102 37.23 4.39 22.90
N HIS B 103 35.97 4.82 22.80
CA HIS B 103 34.84 3.96 23.16
C HIS B 103 34.94 2.55 22.54
N PRO B 104 34.80 1.48 23.36
CA PRO B 104 35.04 0.10 22.88
C PRO B 104 34.23 -0.33 21.67
N ARG B 105 32.94 -0.01 21.64
CA ARG B 105 32.12 -0.36 20.47
C ARG B 105 32.51 0.43 19.20
N ILE B 106 32.66 1.74 19.32
CA ILE B 106 33.07 2.61 18.22
C ILE B 106 34.43 2.14 17.65
N ALA B 107 35.36 1.87 18.57
CA ALA B 107 36.71 1.41 18.30
C ALA B 107 36.70 0.06 17.61
N ALA B 108 35.92 -0.90 18.11
CA ALA B 108 35.85 -2.21 17.42
C ALA B 108 35.30 -2.04 15.98
N LEU B 109 34.34 -1.14 15.79
CA LEU B 109 33.77 -0.91 14.46
C LEU B 109 34.80 -0.26 13.56
N ALA B 110 35.43 0.79 14.06
CA ALA B 110 36.43 1.52 13.28
C ALA B 110 37.53 0.58 12.79
N GLU B 111 38.05 -0.27 13.67
CA GLU B 111 39.14 -1.15 13.28
C GLU B 111 38.71 -2.19 12.28
N TYR B 112 37.47 -2.66 12.42
CA TYR B 112 36.92 -3.66 11.52
C TYR B 112 36.77 -3.03 10.14
N LEU B 113 36.23 -1.81 10.08
CA LEU B 113 36.06 -1.10 8.84
C LEU B 113 37.38 -0.73 8.17
N ALA B 114 38.32 -0.23 8.94
CA ALA B 114 39.63 0.11 8.38
C ALA B 114 40.45 -1.11 7.99
N GLY B 115 40.30 -2.24 8.68
CA GLY B 115 41.00 -3.50 8.35
C GLY B 115 42.34 -3.73 9.04
N SER B 116 42.80 -2.73 9.78
CA SER B 116 44.06 -2.84 10.52
C SER B 116 44.00 -2.00 11.80
N PRO B 117 44.99 -2.16 12.72
CA PRO B 117 44.83 -1.44 13.97
C PRO B 117 44.91 0.08 13.79
N LEU B 118 44.22 0.78 14.66
CA LEU B 118 44.16 2.22 14.58
C LEU B 118 44.65 2.92 15.83
N ARG B 119 44.86 4.22 15.68
CA ARG B 119 45.16 5.13 16.76
C ARG B 119 44.23 6.31 16.61
N LEU B 120 43.85 6.91 17.71
CA LEU B 120 43.20 8.22 17.68
C LEU B 120 44.20 9.31 17.31
N PHE B 121 43.81 10.09 16.31
CA PHE B 121 44.55 11.31 15.92
C PHE B 121 44.04 12.50 16.73
N LYS B 122 42.72 12.70 16.69
CA LYS B 122 42.06 13.80 17.39
C LYS B 122 40.55 13.55 17.54
N LEU B 123 39.95 14.19 18.53
CA LEU B 123 38.50 14.30 18.62
C LEU B 123 38.13 15.77 18.78
N GLU B 124 37.15 16.22 17.99
CA GLU B 124 36.68 17.61 18.09
C GLU B 124 35.25 17.62 18.57
N VAL B 125 34.91 18.59 19.42
CA VAL B 125 33.50 18.81 19.84
C VAL B 125 32.95 19.91 18.96
N LEU B 126 31.84 19.63 18.27
CA LEU B 126 31.28 20.49 17.20
C LEU B 126 29.94 21.13 17.57
N LEU B 127 29.75 22.39 17.18
CA LEU B 127 28.54 23.10 17.45
C LEU B 127 28.08 23.97 16.27
N LYS B 128 26.90 23.68 15.72
CA LYS B 128 26.17 24.64 14.88
C LYS B 128 24.97 25.16 15.66
N GLU B 129 24.83 26.47 15.67
CA GLU B 129 23.67 27.12 16.22
C GLU B 129 23.57 28.53 15.69
N ASN B 130 22.37 29.09 15.87
CA ASN B 130 22.03 30.44 15.48
C ASN B 130 22.10 31.39 16.69
N LYS B 131 23.02 32.35 16.66
CA LYS B 131 23.09 33.42 17.66
C LYS B 131 22.53 34.69 17.01
N GLU B 132 22.38 35.76 17.78
CA GLU B 132 21.54 36.91 17.34
C GLU B 132 21.96 37.50 15.99
N LYS B 133 23.25 37.78 15.79
CA LYS B 133 23.77 38.27 14.50
C LYS B 133 24.76 37.28 13.87
N ASP B 134 24.41 36.00 13.99
CA ASP B 134 25.28 34.90 13.61
C ASP B 134 24.42 33.69 13.23
N ALA B 135 23.89 33.76 12.03
CA ALA B 135 23.10 32.68 11.46
C ALA B 135 24.05 31.54 11.10
N SER B 136 23.79 30.35 11.64
CA SER B 136 24.43 29.11 11.21
C SER B 136 24.38 29.00 9.67
N VAL B 137 25.51 28.61 9.05
CA VAL B 137 25.58 28.39 7.58
C VAL B 137 25.97 26.94 7.32
N PRO B 138 25.82 26.46 6.08
CA PRO B 138 26.22 25.06 5.83
C PRO B 138 27.72 24.80 5.94
N THR B 139 28.05 23.54 6.17
CA THR B 139 29.40 23.03 5.99
C THR B 139 29.47 22.60 4.51
N ALA B 140 30.22 23.38 3.73
CA ALA B 140 30.41 23.16 2.30
C ALA B 140 31.07 21.82 1.96
N PRO B 141 30.77 21.27 0.78
CA PRO B 141 31.40 20.02 0.37
C PRO B 141 32.93 20.10 0.43
N HIS B 142 33.55 19.06 0.94
CA HIS B 142 34.98 19.01 1.09
C HIS B 142 35.53 17.61 1.12
N HIS B 143 36.85 17.53 1.06
CA HIS B 143 37.60 16.32 0.93
C HIS B 143 38.73 16.42 2.02
N ASP B 144 38.55 15.71 3.12
CA ASP B 144 39.39 15.90 4.31
C ASP B 144 40.79 15.30 4.22
N ALA B 145 40.99 14.31 3.36
CA ALA B 145 42.16 13.42 3.38
C ALA B 145 43.48 14.10 3.68
N PHE B 146 43.87 15.03 2.84
CA PHE B 146 45.21 15.60 2.93
C PHE B 146 45.29 16.86 3.78
N ALA B 147 44.19 17.16 4.46
CA ALA B 147 44.22 18.13 5.54
C ALA B 147 44.65 17.50 6.88
N PHE B 148 44.83 16.18 6.93
CA PHE B 148 45.30 15.48 8.10
C PHE B 148 46.83 15.33 7.99
N PRO B 149 47.61 15.91 8.93
CA PRO B 149 49.06 15.90 8.84
C PRO B 149 49.76 14.59 9.31
N PHE B 150 49.40 13.48 8.70
CA PHE B 150 50.01 12.19 8.95
C PHE B 150 50.05 11.36 7.67
N SER B 151 50.90 10.35 7.67
CA SER B 151 51.32 9.65 6.47
C SER B 151 50.18 8.85 5.81
N THR B 152 49.31 8.28 6.64
CA THR B 152 48.19 7.47 6.16
C THR B 152 46.90 8.28 5.99
N ALA B 153 47.03 9.56 5.69
CA ALA B 153 45.92 10.50 5.63
C ALA B 153 44.82 10.07 4.68
N GLY B 154 45.26 9.56 3.54
CA GLY B 154 44.34 9.13 2.50
C GLY B 154 43.51 7.90 2.78
N THR B 155 43.79 7.14 3.83
CA THR B 155 42.86 6.06 4.29
C THR B 155 42.33 6.22 5.70
N ALA B 156 42.43 7.42 6.24
CA ALA B 156 41.89 7.72 7.53
C ALA B 156 40.32 7.53 7.57
N LEU B 157 39.77 7.61 8.76
CA LEU B 157 38.38 7.21 9.01
C LEU B 157 37.91 8.13 10.17
N THR B 158 36.73 8.71 10.00
CA THR B 158 36.22 9.66 10.95
C THR B 158 34.91 9.14 11.50
N ALA B 159 34.77 9.14 12.84
CA ALA B 159 33.50 8.83 13.51
C ALA B 159 32.79 10.10 14.05
N TRP B 160 31.58 10.32 13.56
CA TRP B 160 30.80 11.53 13.84
C TRP B 160 29.64 11.06 14.67
N VAL B 161 29.68 11.38 15.97
CA VAL B 161 28.70 10.87 16.94
C VAL B 161 27.74 11.96 17.28
N ALA B 162 26.44 11.73 17.00
CA ALA B 162 25.38 12.67 17.40
C ALA B 162 25.17 12.53 18.89
N LEU B 163 25.09 13.68 19.57
CA LEU B 163 24.79 13.72 21.01
C LEU B 163 23.43 14.33 21.34
N VAL B 164 22.78 14.90 20.33
CA VAL B 164 21.35 15.25 20.34
C VAL B 164 20.79 14.68 19.04
N ASP B 165 19.46 14.75 18.89
CA ASP B 165 18.83 14.41 17.62
C ASP B 165 19.26 15.38 16.52
N VAL B 166 19.64 14.86 15.36
CA VAL B 166 20.05 15.69 14.21
C VAL B 166 19.23 15.38 12.96
N PRO B 167 17.95 15.84 12.94
CA PRO B 167 17.20 15.72 11.70
C PRO B 167 17.85 16.64 10.67
N VAL B 168 17.42 16.52 9.43
CA VAL B 168 18.03 17.25 8.31
C VAL B 168 18.14 18.76 8.62
N GLU B 169 17.06 19.34 9.10
CA GLU B 169 16.97 20.80 9.25
C GLU B 169 17.93 21.37 10.32
N ARG B 170 18.44 20.48 11.17
CA ARG B 170 19.41 20.85 12.19
C ARG B 170 20.88 20.70 11.69
N GLY B 171 21.03 20.21 10.47
CA GLY B 171 22.30 20.19 9.75
C GLY B 171 23.07 18.89 9.84
N CYS B 172 22.40 17.78 9.54
CA CYS B 172 23.03 16.49 9.39
C CYS B 172 23.94 16.49 8.15
N MET B 173 24.69 15.41 7.95
CA MET B 173 25.65 15.40 6.85
C MET B 173 25.06 14.75 5.59
N THR B 174 25.64 15.09 4.44
CA THR B 174 25.35 14.49 3.17
C THR B 174 26.69 13.93 2.61
N PHE B 175 26.67 12.68 2.17
CA PHE B 175 27.78 12.00 1.60
C PHE B 175 27.55 11.74 0.11
N VAL B 176 28.62 11.70 -0.68
CA VAL B 176 28.55 11.25 -2.09
C VAL B 176 29.04 9.81 -2.12
N PRO B 177 28.12 8.82 -2.12
CA PRO B 177 28.59 7.47 -2.01
C PRO B 177 29.53 7.11 -3.16
N GLY B 178 30.63 6.45 -2.83
CA GLY B 178 31.62 6.04 -3.81
C GLY B 178 32.58 7.09 -4.28
N SER B 179 32.45 8.33 -3.80
CA SER B 179 33.40 9.37 -4.16
C SER B 179 34.83 9.07 -3.62
N HIS B 180 34.92 8.24 -2.59
CA HIS B 180 36.22 7.80 -2.07
C HIS B 180 37.07 6.94 -3.02
N LEU B 181 36.48 6.50 -4.13
CA LEU B 181 37.15 5.72 -5.18
C LEU B 181 37.67 6.59 -6.32
N LEU B 182 37.30 7.88 -6.32
CA LEU B 182 37.79 8.81 -7.30
C LEU B 182 39.28 9.16 -7.08
N PRO B 183 39.99 9.50 -8.17
CA PRO B 183 41.34 9.97 -7.99
C PRO B 183 41.31 11.29 -7.23
N ASP B 184 42.35 11.51 -6.45
CA ASP B 184 42.41 12.69 -5.59
C ASP B 184 42.32 13.91 -6.45
N PRO B 185 41.74 14.99 -5.92
CA PRO B 185 41.68 16.23 -6.69
C PRO B 185 43.04 16.80 -7.02
N ASP B 186 43.11 17.64 -8.04
CA ASP B 186 44.35 18.30 -8.40
C ASP B 186 44.71 19.28 -7.31
N THR B 187 45.96 19.25 -6.85
CA THR B 187 46.29 19.88 -5.57
C THR B 187 46.29 21.40 -5.74
N GLY B 188 45.47 22.06 -4.92
CA GLY B 188 45.42 23.53 -4.81
C GLY B 188 46.09 24.05 -3.54
N ASP B 189 45.77 25.29 -3.19
CA ASP B 189 46.33 25.94 -1.98
C ASP B 189 45.78 25.37 -0.67
N GLU B 190 44.59 24.78 -0.74
CA GLU B 190 43.94 24.25 0.45
C GLU B 190 43.87 22.74 0.37
N PRO B 191 44.29 22.05 1.44
CA PRO B 191 44.31 20.58 1.39
C PRO B 191 42.97 19.92 1.57
N TRP B 192 41.94 20.68 1.89
CA TRP B 192 40.55 20.18 1.94
C TRP B 192 39.77 20.41 0.62
N ALA B 193 40.33 21.20 -0.28
CA ALA B 193 39.72 21.56 -1.55
C ALA B 193 39.57 20.39 -2.50
N GLY B 194 38.84 20.65 -3.58
CA GLY B 194 38.70 19.67 -4.65
C GLY B 194 37.37 18.97 -4.82
N ALA B 195 36.46 19.11 -3.86
CA ALA B 195 35.14 18.51 -3.99
C ALA B 195 34.45 18.95 -5.26
N PHE B 196 33.82 17.98 -5.93
CA PHE B 196 33.07 18.24 -7.17
C PHE B 196 33.91 18.88 -8.29
N THR B 197 35.19 18.50 -8.38
CA THR B 197 36.11 18.91 -9.45
C THR B 197 36.56 17.79 -10.40
N ARG B 198 36.34 16.52 -10.02
CA ARG B 198 36.77 15.40 -10.86
C ARG B 198 35.72 15.22 -11.97
N PRO B 199 36.12 14.70 -13.14
CA PRO B 199 35.14 14.52 -14.24
C PRO B 199 34.03 13.58 -13.85
N GLY B 200 32.80 13.93 -14.21
CA GLY B 200 31.64 13.14 -13.85
C GLY B 200 31.15 13.26 -12.41
N GLU B 201 31.87 13.97 -11.54
CA GLU B 201 31.56 13.97 -10.10
C GLU B 201 30.22 14.63 -9.72
N ILE B 202 29.88 15.75 -10.36
CA ILE B 202 28.65 16.45 -10.08
C ILE B 202 27.40 15.62 -10.42
N TRP B 203 27.57 14.56 -11.21
CA TRP B 203 26.45 13.71 -11.65
C TRP B 203 26.24 12.56 -10.68
N MET B 204 27.09 12.44 -9.67
CA MET B 204 26.93 11.35 -8.72
C MET B 204 25.80 11.68 -7.72
N PRO B 205 25.14 10.63 -7.24
CA PRO B 205 24.06 10.85 -6.28
C PRO B 205 24.54 11.15 -4.93
N ARG B 206 23.69 11.72 -4.12
CA ARG B 206 24.11 12.28 -2.83
C ARG B 206 23.14 11.83 -1.76
N VAL B 207 23.70 11.33 -0.65
CA VAL B 207 22.87 10.76 0.42
C VAL B 207 22.94 11.64 1.68
N THR B 208 21.80 12.21 2.05
CA THR B 208 21.59 12.96 3.29
C THR B 208 21.16 12.01 4.39
N VAL B 209 21.83 12.06 5.53
CA VAL B 209 21.70 11.07 6.60
C VAL B 209 21.37 11.75 7.92
N PRO B 210 20.06 11.91 8.23
CA PRO B 210 19.70 12.38 9.57
C PRO B 210 20.04 11.34 10.62
N LEU B 211 20.28 11.79 11.85
CA LEU B 211 20.82 10.94 12.90
C LEU B 211 20.11 11.16 14.19
N ARG B 212 19.81 10.07 14.90
CA ARG B 212 19.32 10.17 16.29
C ARG B 212 20.48 10.27 17.25
N ALA B 213 20.27 10.88 18.41
CA ALA B 213 21.25 10.93 19.49
C ALA B 213 21.73 9.51 19.77
N GLY B 214 23.04 9.33 19.90
CA GLY B 214 23.60 8.01 20.14
C GLY B 214 23.94 7.23 18.87
N ASP B 215 23.50 7.71 17.70
CA ASP B 215 23.91 7.16 16.38
C ASP B 215 25.30 7.75 15.98
N CYS B 216 26.02 7.05 15.12
CA CYS B 216 27.20 7.63 14.46
C CYS B 216 27.28 7.34 12.98
N THR B 217 28.14 8.10 12.30
CA THR B 217 28.61 7.73 11.00
C THR B 217 30.11 7.55 11.13
N PHE B 218 30.64 6.59 10.37
CA PHE B 218 32.03 6.52 10.01
C PHE B 218 32.11 6.88 8.55
N HIS B 219 33.00 7.80 8.21
CA HIS B 219 33.36 8.00 6.80
C HIS B 219 34.88 8.01 6.53
N HIS B 220 35.22 7.52 5.35
CA HIS B 220 36.55 7.48 4.79
C HIS B 220 37.05 8.91 4.58
N ALA B 221 38.35 9.12 4.75
CA ALA B 221 38.99 10.41 4.48
C ALA B 221 38.85 11.00 3.03
N ARG B 222 38.67 10.14 2.04
CA ARG B 222 38.44 10.53 0.61
C ARG B 222 36.97 10.66 0.16
N THR B 223 36.04 10.43 1.09
CA THR B 223 34.60 10.59 0.82
C THR B 223 34.22 12.05 0.83
N VAL B 224 33.66 12.54 -0.26
CA VAL B 224 33.12 13.89 -0.27
C VAL B 224 31.85 14.00 0.63
N HIS B 225 31.77 15.06 1.41
CA HIS B 225 30.69 15.27 2.33
C HIS B 225 30.51 16.72 2.64
N SER B 226 29.34 17.04 3.14
CA SER B 226 28.90 18.39 3.48
C SER B 226 27.94 18.28 4.67
N ALA B 227 27.40 19.40 5.11
CA ALA B 227 26.29 19.38 6.06
C ALA B 227 25.50 20.63 5.93
N GLY B 228 24.19 20.54 6.12
CA GLY B 228 23.35 21.71 6.03
C GLY B 228 23.59 22.63 7.23
N ALA B 229 23.11 23.85 7.08
CA ALA B 229 22.94 24.75 8.20
C ALA B 229 21.95 24.17 9.22
N ASN B 230 22.06 24.66 10.46
CA ASN B 230 21.04 24.49 11.44
C ASN B 230 20.05 25.67 11.37
N SER B 231 18.85 25.36 10.87
CA SER B 231 17.75 26.33 10.84
C SER B 231 16.77 26.19 12.02
N THR B 232 17.04 25.28 12.94
CA THR B 232 16.26 25.12 14.15
C THR B 232 16.90 25.96 15.24
N ASP B 233 16.15 26.21 16.30
CA ASP B 233 16.66 26.97 17.45
C ASP B 233 17.31 26.09 18.52
N GLU B 234 17.52 24.80 18.25
CA GLU B 234 18.20 23.91 19.18
C GLU B 234 19.58 23.56 18.65
N PRO B 235 20.61 23.68 19.51
CA PRO B 235 21.96 23.52 18.96
C PRO B 235 22.27 22.14 18.44
N ARG B 236 23.12 22.08 17.43
CA ARG B 236 23.61 20.81 16.94
C ARG B 236 24.89 20.49 17.67
N LEU B 237 24.93 19.30 18.25
CA LEU B 237 26.04 18.90 19.09
C LEU B 237 26.46 17.50 18.73
N SER B 238 27.76 17.38 18.54
CA SER B 238 28.38 16.13 18.17
C SER B 238 29.88 16.22 18.39
N THR B 239 30.50 15.04 18.26
CA THR B 239 31.92 14.90 18.22
C THR B 239 32.29 14.33 16.85
N SER B 240 33.53 14.59 16.45
CA SER B 240 34.08 14.07 15.20
C SER B 240 35.44 13.58 15.69
N ALA B 241 35.66 12.26 15.59
CA ALA B 241 36.95 11.64 15.94
C ALA B 241 37.67 11.07 14.68
N VAL B 242 38.89 11.55 14.41
CA VAL B 242 39.70 11.05 13.33
C VAL B 242 40.62 9.92 13.79
N TYR B 243 40.52 8.77 13.11
CA TYR B 243 41.35 7.59 13.36
C TYR B 243 42.32 7.35 12.21
N MET B 244 43.54 6.95 12.58
CA MET B 244 44.62 6.75 11.64
C MET B 244 45.25 5.38 11.87
N ASP B 245 45.93 4.87 10.84
CA ASP B 245 46.73 3.65 10.95
C ASP B 245 47.67 3.79 12.16
N ALA B 246 47.84 2.68 12.88
CA ALA B 246 48.56 2.64 14.15
C ALA B 246 50.07 2.88 13.96
N THR B 247 50.53 2.68 12.73
CA THR B 247 51.89 3.00 12.36
C THR B 247 52.02 4.42 11.77
N ALA B 248 50.97 5.25 11.75
CA ALA B 248 51.10 6.55 11.06
C ALA B 248 52.28 7.41 11.59
N ALA B 249 52.81 8.25 10.72
CA ALA B 249 53.87 9.22 11.07
C ALA B 249 53.49 10.62 10.64
N TYR B 250 54.19 11.60 11.19
CA TYR B 250 53.90 13.00 10.94
C TYR B 250 54.23 13.43 9.50
N ARG B 251 53.30 14.13 8.90
CA ARG B 251 53.46 14.63 7.57
C ARG B 251 52.87 16.03 7.52
N PRO B 252 53.70 17.09 7.46
CA PRO B 252 53.10 18.42 7.40
C PRO B 252 52.23 18.66 6.18
N THR B 253 51.10 19.32 6.37
CA THR B 253 50.24 19.76 5.28
C THR B 253 50.70 21.10 4.71
N GLY B 254 51.58 21.80 5.40
CA GLY B 254 51.91 23.18 5.01
C GLY B 254 51.07 24.27 5.67
N ILE B 255 49.86 23.95 6.11
CA ILE B 255 48.98 24.92 6.81
C ILE B 255 49.30 24.87 8.31
N ALA B 256 49.76 26.00 8.86
CA ALA B 256 50.24 26.06 10.26
C ALA B 256 49.21 25.59 11.31
N PHE B 257 47.97 26.07 11.22
CA PHE B 257 46.97 25.68 12.24
C PHE B 257 46.59 24.19 12.21
N LEU B 258 46.76 23.52 11.07
CA LEU B 258 46.61 22.05 10.96
C LEU B 258 47.88 21.31 11.37
N ASP B 259 49.05 21.88 11.10
CA ASP B 259 50.32 21.22 11.36
C ASP B 259 50.79 21.30 12.82
N ASP B 260 50.37 22.34 13.54
CA ASP B 260 50.74 22.57 14.96
C ASP B 260 49.92 21.74 15.93
N LEU B 261 50.44 20.58 16.31
CA LEU B 261 49.74 19.65 17.18
C LEU B 261 50.06 19.92 18.64
N PRO B 262 49.05 20.26 19.46
CA PRO B 262 49.36 20.54 20.84
C PRO B 262 49.62 19.26 21.66
N GLY B 263 50.39 19.40 22.74
CA GLY B 263 50.67 18.32 23.67
C GLY B 263 51.61 17.28 23.11
N THR B 264 52.54 17.71 22.26
CA THR B 264 53.47 16.79 21.60
C THR B 264 54.90 17.23 21.86
N GLY B 265 55.11 17.91 22.99
CA GLY B 265 56.42 18.39 23.38
C GLY B 265 56.70 19.82 22.94
N ALA B 266 57.88 20.29 23.33
CA ALA B 266 58.33 21.70 23.18
C ALA B 266 58.58 22.15 21.73
N ASP B 267 59.28 21.32 20.97
CA ASP B 267 59.71 21.66 19.61
C ASP B 267 58.77 21.10 18.57
N PRO B 268 58.74 21.73 17.38
CA PRO B 268 57.87 21.20 16.31
C PRO B 268 58.26 19.77 15.88
N LEU B 269 57.26 18.97 15.55
CA LEU B 269 57.49 17.61 15.10
C LEU B 269 58.15 17.60 13.74
N ARG B 270 58.92 16.55 13.50
CA ARG B 270 59.70 16.42 12.27
C ARG B 270 59.01 15.40 11.36
N GLU B 271 59.01 15.68 10.06
CA GLU B 271 58.47 14.76 9.07
C GLU B 271 58.97 13.33 9.23
N GLY B 272 58.06 12.38 9.39
CA GLY B 272 58.39 10.96 9.55
C GLY B 272 58.43 10.46 10.98
N ALA B 273 58.33 11.37 11.95
CA ALA B 273 58.23 11.01 13.36
C ALA B 273 56.94 10.22 13.64
N PRO B 274 57.05 9.07 14.33
CA PRO B 274 55.85 8.31 14.63
C PRO B 274 54.92 8.99 15.66
N LEU B 275 53.61 8.92 15.39
CA LEU B 275 52.61 9.46 16.29
C LEU B 275 52.15 8.28 17.15
N THR B 276 52.79 8.12 18.29
CA THR B 276 52.66 6.93 19.16
C THR B 276 52.37 7.36 20.60
N GLY B 277 52.27 6.38 21.50
CA GLY B 277 52.10 6.65 22.91
C GLY B 277 50.68 7.05 23.25
N ASP B 278 50.56 7.66 24.43
CA ASP B 278 49.28 8.06 24.98
C ASP B 278 48.69 9.30 24.31
N ARG B 279 49.54 10.11 23.67
CA ARG B 279 49.05 11.31 22.98
C ARG B 279 48.30 10.95 21.68
N PHE B 280 48.64 9.79 21.10
CA PHE B 280 47.95 9.23 19.93
C PHE B 280 47.63 7.75 20.19
N PRO B 281 46.68 7.48 21.11
CA PRO B 281 46.52 6.16 21.72
C PRO B 281 45.92 5.11 20.80
N LEU B 282 46.39 3.87 20.98
CA LEU B 282 45.80 2.69 20.33
C LEU B 282 44.33 2.55 20.71
N LEU B 283 43.49 2.19 19.78
CA LEU B 283 42.07 1.97 20.07
C LEU B 283 41.82 0.65 20.75
N ARG B 284 42.66 -0.32 20.45
CA ARG B 284 42.46 -1.69 20.90
C ARG B 284 42.70 -1.86 22.41
N ASP C 29 -24.98 6.09 -22.22
CA ASP C 29 -23.64 5.42 -22.38
C ASP C 29 -23.82 3.92 -22.70
N PRO C 30 -23.63 3.54 -23.99
CA PRO C 30 -23.86 2.15 -24.45
C PRO C 30 -22.90 1.08 -23.87
N ALA C 31 -21.60 1.33 -23.95
CA ALA C 31 -20.59 0.47 -23.30
C ALA C 31 -20.97 0.10 -21.87
N ALA C 32 -21.23 1.11 -21.06
CA ALA C 32 -21.59 0.92 -19.63
C ALA C 32 -22.84 0.08 -19.42
N LEU C 33 -23.87 0.36 -20.22
CA LEU C 33 -25.11 -0.41 -20.13
C LEU C 33 -24.84 -1.86 -20.49
N GLU C 34 -24.03 -2.08 -21.53
CA GLU C 34 -23.72 -3.43 -21.99
C GLU C 34 -22.84 -4.23 -21.03
N ARG C 35 -21.89 -3.56 -20.34
CA ARG C 35 -21.15 -4.16 -19.22
C ARG C 35 -22.09 -4.58 -18.08
N LEU C 36 -22.98 -3.68 -17.73
CA LEU C 36 -24.03 -3.96 -16.76
C LEU C 36 -24.83 -5.23 -17.10
N ALA C 37 -25.26 -5.36 -18.35
CA ALA C 37 -25.98 -6.56 -18.79
C ALA C 37 -25.12 -7.83 -18.72
N ALA C 38 -23.85 -7.72 -19.10
CA ALA C 38 -22.86 -8.81 -18.97
C ALA C 38 -22.71 -9.30 -17.56
N ARG C 39 -22.52 -8.37 -16.62
CA ARG C 39 -22.51 -8.73 -15.22
C ARG C 39 -23.80 -9.45 -14.80
N TYR C 40 -24.95 -8.88 -15.19
CA TYR C 40 -26.27 -9.48 -14.91
C TYR C 40 -26.35 -10.92 -15.40
N ARG C 41 -25.97 -11.11 -16.64
CA ARG C 41 -25.93 -12.47 -17.18
C ARG C 41 -24.93 -13.38 -16.46
N ARG C 42 -23.77 -12.85 -16.12
CA ARG C 42 -22.78 -13.65 -15.42
C ARG C 42 -23.26 -14.07 -14.04
N ASP C 43 -23.69 -13.09 -13.25
CA ASP C 43 -23.93 -13.27 -11.82
C ASP C 43 -25.39 -13.57 -11.44
N GLY C 44 -26.34 -13.16 -12.27
CA GLY C 44 -27.77 -13.31 -11.93
C GLY C 44 -28.34 -12.17 -11.10
N TYR C 45 -27.55 -11.11 -10.95
CA TYR C 45 -27.96 -9.91 -10.21
C TYR C 45 -26.99 -8.84 -10.59
N VAL C 46 -27.38 -7.59 -10.39
CA VAL C 46 -26.48 -6.45 -10.57
C VAL C 46 -26.84 -5.37 -9.54
N HIS C 47 -25.83 -4.65 -9.06
CA HIS C 47 -26.02 -3.49 -8.21
C HIS C 47 -25.90 -2.25 -9.05
N VAL C 48 -26.84 -1.31 -8.92
CA VAL C 48 -26.76 -0.01 -9.60
C VAL C 48 -26.90 1.10 -8.58
N PRO C 49 -25.86 1.92 -8.41
CA PRO C 49 -25.96 3.00 -7.42
C PRO C 49 -26.64 4.24 -7.95
N GLY C 50 -27.34 4.93 -7.06
CA GLY C 50 -27.90 6.25 -7.36
C GLY C 50 -28.98 6.28 -8.42
N VAL C 51 -29.79 5.23 -8.47
CA VAL C 51 -30.82 5.10 -9.48
C VAL C 51 -31.89 6.16 -9.24
N LEU C 52 -32.15 6.42 -7.94
CA LEU C 52 -32.94 7.57 -7.45
C LEU C 52 -31.98 8.64 -6.91
N ASP C 53 -32.40 9.91 -6.93
CA ASP C 53 -31.63 11.00 -6.29
C ASP C 53 -32.20 11.24 -4.88
N ALA C 54 -31.62 12.19 -4.15
CA ALA C 54 -32.00 12.45 -2.75
C ALA C 54 -33.48 12.85 -2.57
N GLY C 55 -33.95 13.77 -3.41
CA GLY C 55 -35.34 14.22 -3.40
C GLY C 55 -36.35 13.11 -3.68
N GLU C 56 -36.06 12.32 -4.70
CA GLU C 56 -36.84 11.13 -4.97
C GLU C 56 -36.83 10.16 -3.78
N VAL C 57 -35.66 9.89 -3.18
CA VAL C 57 -35.61 8.97 -2.04
C VAL C 57 -36.54 9.44 -0.91
N ALA C 58 -36.48 10.72 -0.57
CA ALA C 58 -37.31 11.25 0.52
C ALA C 58 -38.82 11.12 0.23
N GLU C 59 -39.25 11.33 -1.03
CA GLU C 59 -40.67 11.20 -1.40
C GLU C 59 -41.19 9.77 -1.25
N TYR C 60 -40.45 8.84 -1.81
CA TYR C 60 -40.84 7.44 -1.78
C TYR C 60 -40.68 6.85 -0.38
N LEU C 61 -39.68 7.31 0.36
CA LEU C 61 -39.55 6.94 1.78
C LEU C 61 -40.79 7.35 2.64
N ALA C 62 -41.17 8.62 2.53
CA ALA C 62 -42.31 9.18 3.27
C ALA C 62 -43.58 8.39 3.00
N GLU C 63 -43.81 8.11 1.71
CA GLU C 63 -44.95 7.29 1.29
C GLU C 63 -44.83 5.87 1.82
N ALA C 64 -43.66 5.27 1.67
CA ALA C 64 -43.43 3.92 2.22
C ALA C 64 -43.85 3.82 3.69
N ARG C 65 -43.41 4.78 4.50
CA ARG C 65 -43.76 4.85 5.94
C ARG C 65 -45.25 5.05 6.17
N ARG C 66 -45.83 5.98 5.43
CA ARG C 66 -47.27 6.27 5.47
C ARG C 66 -48.09 5.00 5.18
N LEU C 67 -47.80 4.33 4.08
CA LEU C 67 -48.44 3.05 3.78
C LEU C 67 -48.24 2.00 4.88
N LEU C 68 -47.03 1.88 5.43
CA LEU C 68 -46.78 0.92 6.52
C LEU C 68 -47.55 1.26 7.80
N ALA C 69 -47.75 2.56 8.05
CA ALA C 69 -48.43 3.03 9.26
C ALA C 69 -49.96 2.99 9.17
N HIS C 70 -50.52 3.18 7.96
CA HIS C 70 -51.97 3.39 7.79
C HIS C 70 -52.71 2.32 7.00
N GLU C 71 -52.04 1.70 6.03
CA GLU C 71 -52.61 0.56 5.30
C GLU C 71 -52.32 -0.75 6.02
N GLU C 72 -52.99 -1.78 5.55
CA GLU C 72 -52.84 -3.13 6.04
C GLU C 72 -51.58 -3.68 5.44
N SER C 73 -50.93 -4.55 6.20
CA SER C 73 -49.65 -5.12 5.83
C SER C 73 -49.73 -6.60 6.11
N VAL C 74 -48.86 -7.34 5.48
CA VAL C 74 -48.79 -8.78 5.62
C VAL C 74 -47.54 -9.10 6.44
N ARG C 75 -47.68 -10.10 7.30
CA ARG C 75 -46.59 -10.56 8.14
C ARG C 75 -46.12 -11.86 7.57
N TRP C 76 -44.89 -11.80 7.04
CA TRP C 76 -44.16 -12.99 6.69
C TRP C 76 -43.41 -13.32 7.96
N GLY C 77 -43.66 -14.49 8.51
CA GLY C 77 -43.01 -14.82 9.73
C GLY C 77 -42.75 -16.26 10.01
N SER C 78 -42.78 -16.50 11.32
CA SER C 78 -42.99 -17.78 12.03
C SER C 78 -42.82 -17.46 13.51
N GLY C 79 -43.03 -18.46 14.37
CA GLY C 79 -42.61 -18.41 15.79
C GLY C 79 -41.09 -18.30 15.97
N ALA C 80 -40.34 -18.65 14.92
CA ALA C 80 -38.91 -18.37 14.77
C ALA C 80 -38.62 -16.86 14.74
N GLY C 81 -39.52 -16.10 14.08
CA GLY C 81 -39.58 -14.64 14.18
C GLY C 81 -40.11 -13.99 12.91
N THR C 82 -40.39 -12.70 13.00
CA THR C 82 -40.77 -11.87 11.85
C THR C 82 -39.62 -11.71 10.81
N VAL C 83 -39.82 -12.31 9.64
CA VAL C 83 -38.96 -12.12 8.48
C VAL C 83 -39.12 -10.68 7.96
N MET C 84 -40.34 -10.24 7.81
CA MET C 84 -40.67 -8.87 7.42
C MET C 84 -42.21 -8.67 7.61
N ASP C 85 -42.61 -7.42 7.58
CA ASP C 85 -43.94 -7.03 7.27
C ASP C 85 -43.85 -6.31 5.93
N TYR C 86 -44.84 -6.50 5.07
CA TYR C 86 -44.87 -5.81 3.77
C TYR C 86 -46.27 -5.41 3.36
N VAL C 87 -46.36 -4.30 2.64
CA VAL C 87 -47.58 -3.93 1.95
C VAL C 87 -47.54 -4.66 0.61
N ALA C 88 -48.56 -5.52 0.39
CA ALA C 88 -48.77 -6.27 -0.87
C ALA C 88 -49.33 -5.36 -1.96
N ASP C 89 -48.92 -5.58 -3.20
CA ASP C 89 -49.43 -4.80 -4.35
C ASP C 89 -49.63 -3.28 -4.06
N ALA C 90 -48.64 -2.67 -3.44
CA ALA C 90 -48.68 -1.26 -3.02
C ALA C 90 -48.89 -0.24 -4.14
N GLN C 91 -48.56 -0.59 -5.37
CA GLN C 91 -48.86 0.30 -6.51
C GLN C 91 -50.37 0.56 -6.75
N LEU C 92 -51.24 -0.37 -6.35
CA LEU C 92 -52.70 -0.24 -6.60
C LEU C 92 -53.34 0.90 -5.81
N GLY C 93 -52.99 1.01 -4.52
CA GLY C 93 -53.55 2.03 -3.62
C GLY C 93 -52.83 3.37 -3.67
N SER C 94 -51.60 3.38 -4.19
CA SER C 94 -50.73 4.55 -4.12
C SER C 94 -50.08 4.93 -5.48
N ASP C 95 -50.51 6.04 -6.08
CA ASP C 95 -49.90 6.57 -7.33
C ASP C 95 -48.40 6.88 -7.18
N THR C 96 -48.02 7.35 -5.99
CA THR C 96 -46.59 7.49 -5.65
C THR C 96 -45.83 6.17 -5.87
N MET C 97 -46.26 5.10 -5.21
CA MET C 97 -45.62 3.77 -5.38
C MET C 97 -45.70 3.21 -6.80
N ARG C 98 -46.78 3.53 -7.50
CA ARG C 98 -46.89 3.16 -8.90
C ARG C 98 -45.84 3.88 -9.75
N ARG C 99 -45.60 5.17 -9.48
CA ARG C 99 -44.56 5.96 -10.19
C ARG C 99 -43.13 5.49 -9.94
N LEU C 100 -42.89 4.85 -8.81
CA LEU C 100 -41.61 4.22 -8.50
C LEU C 100 -41.48 2.90 -9.23
N ALA C 101 -42.55 2.10 -9.18
CA ALA C 101 -42.62 0.82 -9.89
C ALA C 101 -42.41 1.02 -11.39
N THR C 102 -42.86 2.15 -11.92
CA THR C 102 -42.64 2.48 -13.33
C THR C 102 -41.63 3.61 -13.59
N HIS C 103 -40.70 3.82 -12.65
CA HIS C 103 -39.72 4.88 -12.77
C HIS C 103 -38.98 4.73 -14.10
N PRO C 104 -38.84 5.82 -14.88
CA PRO C 104 -38.16 5.76 -16.19
C PRO C 104 -36.78 5.10 -16.17
N ARG C 105 -35.89 5.59 -15.31
CA ARG C 105 -34.56 5.01 -15.21
C ARG C 105 -34.57 3.53 -14.79
N ILE C 106 -35.31 3.17 -13.76
CA ILE C 106 -35.40 1.75 -13.32
C ILE C 106 -35.96 0.89 -14.46
N ALA C 107 -37.01 1.39 -15.10
CA ALA C 107 -37.67 0.71 -16.21
C ALA C 107 -36.74 0.53 -17.41
N ALA C 108 -35.98 1.57 -17.75
CA ALA C 108 -35.01 1.48 -18.85
C ALA C 108 -33.96 0.38 -18.58
N LEU C 109 -33.42 0.38 -17.36
CA LEU C 109 -32.46 -0.62 -16.94
C LEU C 109 -33.07 -2.00 -16.95
N ALA C 110 -34.25 -2.14 -16.37
CA ALA C 110 -34.89 -3.45 -16.32
C ALA C 110 -35.11 -4.05 -17.73
N GLU C 111 -35.56 -3.24 -18.67
CA GLU C 111 -35.81 -3.77 -20.03
C GLU C 111 -34.52 -4.17 -20.71
N TYR C 112 -33.48 -3.36 -20.52
CA TYR C 112 -32.22 -3.64 -21.18
C TYR C 112 -31.62 -4.92 -20.64
N LEU C 113 -31.74 -5.15 -19.34
CA LEU C 113 -31.21 -6.37 -18.76
C LEU C 113 -32.05 -7.57 -19.15
N ALA C 114 -33.37 -7.45 -19.10
CA ALA C 114 -34.23 -8.58 -19.40
C ALA C 114 -34.16 -9.00 -20.86
N GLY C 115 -33.95 -8.04 -21.76
CA GLY C 115 -33.81 -8.28 -23.21
C GLY C 115 -35.05 -8.07 -24.05
N SER C 116 -36.20 -7.82 -23.44
CA SER C 116 -37.42 -7.54 -24.21
C SER C 116 -38.37 -6.71 -23.34
N PRO C 117 -39.45 -6.15 -23.93
CA PRO C 117 -40.28 -5.24 -23.14
C PRO C 117 -40.89 -5.90 -21.90
N LEU C 118 -41.11 -5.10 -20.87
CA LEU C 118 -41.61 -5.61 -19.60
C LEU C 118 -42.95 -4.99 -19.18
N ARG C 119 -43.61 -5.67 -18.27
CA ARG C 119 -44.77 -5.16 -17.56
C ARG C 119 -44.49 -5.28 -16.08
N LEU C 120 -45.03 -4.35 -15.30
CA LEU C 120 -45.06 -4.48 -13.82
C LEU C 120 -46.04 -5.59 -13.41
N PHE C 121 -45.58 -6.51 -12.57
CA PHE C 121 -46.45 -7.55 -11.99
C PHE C 121 -46.95 -7.13 -10.62
N LYS C 122 -46.02 -6.64 -9.80
CA LYS C 122 -46.29 -6.19 -8.44
C LYS C 122 -45.10 -5.42 -7.88
N LEU C 123 -45.43 -4.40 -7.08
CA LEU C 123 -44.47 -3.73 -6.19
C LEU C 123 -44.91 -3.96 -4.73
N GLU C 124 -43.94 -4.35 -3.90
CA GLU C 124 -44.17 -4.52 -2.45
C GLU C 124 -43.31 -3.60 -1.64
N VAL C 125 -43.90 -2.94 -0.64
CA VAL C 125 -43.13 -2.14 0.33
C VAL C 125 -42.75 -3.04 1.50
N LEU C 126 -41.44 -3.14 1.75
CA LEU C 126 -40.82 -4.09 2.75
C LEU C 126 -40.27 -3.39 4.01
N LEU C 127 -40.33 -4.11 5.13
CA LEU C 127 -39.93 -3.60 6.46
C LEU C 127 -39.37 -4.76 7.27
N LYS C 128 -38.10 -4.63 7.69
CA LYS C 128 -37.51 -5.43 8.77
C LYS C 128 -37.15 -4.45 9.86
N GLU C 129 -37.62 -4.69 11.08
CA GLU C 129 -37.27 -3.88 12.22
C GLU C 129 -37.34 -4.66 13.51
N ASN C 130 -36.75 -4.09 14.55
CA ASN C 130 -36.79 -4.66 15.86
C ASN C 130 -37.86 -3.88 16.60
N LYS C 131 -38.85 -4.59 17.17
CA LYS C 131 -39.88 -4.04 18.07
C LYS C 131 -39.68 -4.79 19.34
N GLU C 132 -40.30 -4.27 20.41
CA GLU C 132 -40.09 -4.75 21.76
C GLU C 132 -39.93 -6.25 21.87
N LYS C 133 -40.95 -7.02 21.52
CA LYS C 133 -40.80 -8.47 21.66
C LYS C 133 -40.90 -9.14 20.33
N ASP C 134 -40.19 -8.55 19.37
CA ASP C 134 -40.23 -8.96 18.00
C ASP C 134 -38.87 -8.66 17.35
N ALA C 135 -37.93 -9.58 17.58
CA ALA C 135 -36.60 -9.46 17.01
C ALA C 135 -36.63 -9.84 15.55
N SER C 136 -36.25 -8.90 14.68
CA SER C 136 -36.03 -9.13 13.24
C SER C 136 -35.18 -10.37 12.95
N VAL C 137 -35.58 -11.17 11.96
CA VAL C 137 -34.85 -12.43 11.67
C VAL C 137 -34.42 -12.38 10.24
N PRO C 138 -33.52 -13.31 9.84
CA PRO C 138 -33.07 -13.26 8.45
C PRO C 138 -34.15 -13.73 7.45
N THR C 139 -34.04 -13.28 6.19
CA THR C 139 -34.78 -13.84 5.07
C THR C 139 -33.96 -15.02 4.57
N ALA C 140 -34.49 -16.23 4.69
CA ALA C 140 -33.74 -17.44 4.39
C ALA C 140 -33.52 -17.58 2.89
N PRO C 141 -32.42 -18.25 2.50
CA PRO C 141 -32.20 -18.42 1.04
C PRO C 141 -33.41 -19.05 0.32
N HIS C 142 -33.80 -18.48 -0.80
CA HIS C 142 -34.92 -18.95 -1.57
C HIS C 142 -34.77 -18.69 -3.06
N HIS C 143 -35.69 -19.24 -3.82
CA HIS C 143 -35.75 -19.25 -5.27
C HIS C 143 -37.16 -18.76 -5.68
N ASP C 144 -37.33 -17.48 -6.00
CA ASP C 144 -38.63 -16.92 -6.33
C ASP C 144 -39.33 -17.44 -7.61
N ALA C 145 -38.55 -17.79 -8.64
CA ALA C 145 -39.13 -18.06 -9.97
C ALA C 145 -40.54 -18.62 -9.98
N PHE C 146 -40.72 -19.87 -9.61
CA PHE C 146 -42.01 -20.48 -9.80
C PHE C 146 -43.08 -20.15 -8.72
N ALA C 147 -42.74 -19.21 -7.83
CA ALA C 147 -43.69 -18.52 -6.94
C ALA C 147 -44.41 -17.31 -7.54
N PHE C 148 -44.09 -16.99 -8.80
CA PHE C 148 -44.78 -15.94 -9.57
C PHE C 148 -45.78 -16.63 -10.51
N PRO C 149 -47.09 -16.28 -10.40
CA PRO C 149 -48.12 -16.97 -11.17
C PRO C 149 -48.27 -16.40 -12.59
N PHE C 150 -47.18 -16.42 -13.35
CA PHE C 150 -47.21 -16.08 -14.74
C PHE C 150 -46.24 -16.95 -15.57
N SER C 151 -46.57 -17.01 -16.88
CA SER C 151 -45.97 -17.96 -17.79
C SER C 151 -44.43 -17.83 -17.86
N THR C 152 -43.94 -16.59 -17.92
CA THR C 152 -42.51 -16.28 -18.05
C THR C 152 -41.80 -16.03 -16.70
N ALA C 153 -42.33 -16.72 -15.69
CA ALA C 153 -41.78 -16.74 -14.33
C ALA C 153 -40.28 -16.95 -14.25
N GLY C 154 -39.79 -17.86 -15.10
CA GLY C 154 -38.41 -18.33 -15.05
C GLY C 154 -37.38 -17.30 -15.41
N THR C 155 -37.80 -16.24 -16.10
CA THR C 155 -36.94 -15.12 -16.50
C THR C 155 -37.40 -13.79 -15.98
N ALA C 156 -38.29 -13.76 -15.02
CA ALA C 156 -38.70 -12.50 -14.40
C ALA C 156 -37.49 -11.86 -13.72
N LEU C 157 -37.63 -10.59 -13.40
CA LEU C 157 -36.54 -9.77 -12.94
C LEU C 157 -37.09 -8.90 -11.78
N THR C 158 -36.34 -8.82 -10.69
CA THR C 158 -36.77 -8.06 -9.50
C THR C 158 -35.88 -6.87 -9.17
N ALA C 159 -36.47 -5.69 -9.06
CA ALA C 159 -35.75 -4.49 -8.65
C ALA C 159 -36.04 -4.15 -7.17
N TRP C 160 -34.98 -4.09 -6.36
CA TRP C 160 -35.06 -3.93 -4.91
C TRP C 160 -34.39 -2.63 -4.65
N VAL C 161 -35.18 -1.61 -4.32
CA VAL C 161 -34.70 -0.24 -4.17
C VAL C 161 -34.61 0.12 -2.69
N ALA C 162 -33.40 0.51 -2.25
CA ALA C 162 -33.18 0.98 -0.89
C ALA C 162 -33.71 2.41 -0.71
N LEU C 163 -34.52 2.61 0.31
CA LEU C 163 -35.07 3.92 0.63
C LEU C 163 -34.43 4.57 1.84
N VAL C 164 -33.57 3.78 2.49
CA VAL C 164 -32.64 4.23 3.54
C VAL C 164 -31.33 3.51 3.27
N ASP C 165 -30.27 3.93 3.94
CA ASP C 165 -29.02 3.17 3.95
C ASP C 165 -29.23 1.75 4.54
N VAL C 166 -28.70 0.75 3.85
CA VAL C 166 -28.84 -0.65 4.23
C VAL C 166 -27.45 -1.27 4.27
N PRO C 167 -26.67 -0.92 5.33
CA PRO C 167 -25.43 -1.66 5.55
C PRO C 167 -25.76 -3.11 5.85
N VAL C 168 -24.73 -3.94 5.93
CA VAL C 168 -24.87 -5.38 6.20
C VAL C 168 -25.78 -5.62 7.44
N GLU C 169 -25.39 -5.06 8.58
CA GLU C 169 -26.10 -5.27 9.84
C GLU C 169 -27.60 -4.86 9.84
N ARG C 170 -28.03 -4.05 8.87
CA ARG C 170 -29.45 -3.70 8.70
C ARG C 170 -30.23 -4.66 7.80
N GLY C 171 -29.58 -5.73 7.30
CA GLY C 171 -30.26 -6.79 6.55
C GLY C 171 -30.29 -6.61 5.05
N CYS C 172 -29.13 -6.31 4.46
CA CYS C 172 -29.00 -6.27 3.04
C CYS C 172 -29.04 -7.69 2.52
N MET C 173 -29.13 -7.78 1.21
CA MET C 173 -29.24 -9.05 0.54
C MET C 173 -27.90 -9.67 0.26
N THR C 174 -27.89 -10.99 0.20
CA THR C 174 -26.78 -11.78 -0.29
C THR C 174 -27.30 -12.58 -1.50
N PHE C 175 -26.52 -12.62 -2.60
CA PHE C 175 -26.81 -13.44 -3.77
C PHE C 175 -25.72 -14.53 -3.96
N VAL C 176 -26.11 -15.63 -4.60
CA VAL C 176 -25.19 -16.64 -5.07
C VAL C 176 -24.90 -16.41 -6.58
N PRO C 177 -23.75 -15.79 -6.93
CA PRO C 177 -23.51 -15.58 -8.35
C PRO C 177 -23.48 -16.87 -9.16
N GLY C 178 -24.15 -16.82 -10.31
CA GLY C 178 -24.24 -17.97 -11.15
C GLY C 178 -25.36 -18.94 -10.83
N SER C 179 -26.01 -18.79 -9.67
CA SER C 179 -27.02 -19.75 -9.26
C SER C 179 -28.23 -19.83 -10.27
N HIS C 180 -28.51 -18.71 -10.94
CA HIS C 180 -29.53 -18.61 -12.00
C HIS C 180 -29.36 -19.49 -13.24
N LEU C 181 -28.17 -20.07 -13.37
CA LEU C 181 -27.81 -20.99 -14.45
C LEU C 181 -27.96 -22.42 -14.01
N LEU C 182 -28.24 -22.66 -12.73
CA LEU C 182 -28.42 -24.04 -12.31
C LEU C 182 -29.79 -24.57 -12.76
N PRO C 183 -29.88 -25.90 -13.00
CA PRO C 183 -31.18 -26.50 -13.27
C PRO C 183 -32.10 -26.22 -12.09
N ASP C 184 -33.40 -26.03 -12.37
CA ASP C 184 -34.38 -25.72 -11.34
C ASP C 184 -34.44 -26.81 -10.28
N PRO C 185 -34.73 -26.45 -9.01
CA PRO C 185 -34.76 -27.47 -7.99
C PRO C 185 -35.88 -28.47 -8.23
N ASP C 186 -35.74 -29.67 -7.68
CA ASP C 186 -36.81 -30.65 -7.72
C ASP C 186 -38.05 -30.07 -7.04
N THR C 187 -39.21 -30.31 -7.63
CA THR C 187 -40.44 -29.61 -7.21
C THR C 187 -40.93 -30.11 -5.84
N GLY C 188 -40.96 -29.22 -4.85
CA GLY C 188 -41.50 -29.50 -3.52
C GLY C 188 -42.90 -28.94 -3.36
N ASP C 189 -43.40 -28.94 -2.12
CA ASP C 189 -44.72 -28.34 -1.79
C ASP C 189 -44.77 -26.85 -2.01
N GLU C 190 -43.64 -26.20 -1.72
CA GLU C 190 -43.58 -24.77 -1.77
C GLU C 190 -42.86 -24.35 -3.03
N PRO C 191 -43.44 -23.38 -3.76
CA PRO C 191 -42.89 -23.01 -5.04
C PRO C 191 -41.66 -22.09 -4.96
N TRP C 192 -41.23 -21.71 -3.75
CA TRP C 192 -40.03 -20.88 -3.51
C TRP C 192 -38.90 -21.72 -2.90
N ALA C 193 -39.15 -23.02 -2.76
CA ALA C 193 -38.19 -23.92 -2.15
C ALA C 193 -37.04 -24.33 -3.07
N GLY C 194 -36.12 -25.09 -2.50
CA GLY C 194 -35.04 -25.72 -3.21
C GLY C 194 -33.72 -25.00 -3.30
N ALA C 195 -33.61 -23.80 -2.71
CA ALA C 195 -32.28 -23.18 -2.51
C ALA C 195 -31.33 -24.14 -1.78
N PHE C 196 -30.10 -24.18 -2.26
CA PHE C 196 -29.02 -25.05 -1.73
C PHE C 196 -29.32 -26.55 -1.75
N THR C 197 -30.16 -26.98 -2.69
CA THR C 197 -30.45 -28.40 -2.92
C THR C 197 -29.76 -29.02 -4.13
N ARG C 198 -29.23 -28.23 -5.06
CA ARG C 198 -28.66 -28.82 -6.29
C ARG C 198 -27.25 -29.40 -5.98
N PRO C 199 -26.76 -30.34 -6.82
CA PRO C 199 -25.41 -30.87 -6.49
C PRO C 199 -24.36 -29.79 -6.60
N GLY C 200 -23.49 -29.72 -5.60
CA GLY C 200 -22.44 -28.72 -5.56
C GLY C 200 -22.81 -27.32 -5.11
N GLU C 201 -24.08 -27.05 -4.84
CA GLU C 201 -24.54 -25.67 -4.68
C GLU C 201 -24.02 -25.02 -3.39
N ILE C 202 -23.90 -25.79 -2.32
CA ILE C 202 -23.43 -25.26 -1.03
C ILE C 202 -21.96 -24.77 -1.09
N TRP C 203 -21.23 -25.24 -2.09
CA TRP C 203 -19.84 -24.85 -2.31
C TRP C 203 -19.67 -23.60 -3.16
N MET C 204 -20.74 -23.03 -3.66
CA MET C 204 -20.64 -21.82 -4.45
C MET C 204 -20.38 -20.61 -3.56
N PRO C 205 -19.56 -19.63 -4.04
CA PRO C 205 -19.41 -18.41 -3.26
C PRO C 205 -20.69 -17.60 -3.17
N ARG C 206 -20.74 -16.70 -2.19
CA ARG C 206 -21.93 -15.90 -1.90
C ARG C 206 -21.50 -14.46 -1.78
N VAL C 207 -22.29 -13.54 -2.28
CA VAL C 207 -21.88 -12.14 -2.30
C VAL C 207 -22.93 -11.30 -1.59
N THR C 208 -22.51 -10.61 -0.53
CA THR C 208 -23.34 -9.75 0.25
C THR C 208 -23.12 -8.32 -0.22
N VAL C 209 -24.25 -7.66 -0.49
CA VAL C 209 -24.29 -6.39 -1.19
C VAL C 209 -24.97 -5.30 -0.37
N PRO C 210 -24.22 -4.59 0.50
CA PRO C 210 -24.82 -3.43 1.13
C PRO C 210 -25.14 -2.31 0.16
N LEU C 211 -26.14 -1.52 0.49
CA LEU C 211 -26.74 -0.52 -0.39
C LEU C 211 -26.91 0.77 0.30
N ARG C 212 -26.66 1.85 -0.42
CA ARG C 212 -27.03 3.17 0.06
C ARG C 212 -28.49 3.49 -0.35
N ALA C 213 -29.14 4.40 0.37
CA ALA C 213 -30.45 4.90 -0.05
C ALA C 213 -30.31 5.41 -1.48
N GLY C 214 -31.27 5.08 -2.33
CA GLY C 214 -31.25 5.50 -3.74
C GLY C 214 -30.54 4.53 -4.69
N ASP C 215 -29.89 3.52 -4.15
CA ASP C 215 -29.29 2.45 -4.91
C ASP C 215 -30.36 1.39 -5.14
N CYS C 216 -30.15 0.54 -6.14
CA CYS C 216 -30.93 -0.68 -6.27
C CYS C 216 -30.11 -1.84 -6.73
N THR C 217 -30.64 -3.03 -6.50
CA THR C 217 -30.21 -4.20 -7.21
C THR C 217 -31.30 -4.69 -8.14
N PHE C 218 -30.86 -5.35 -9.22
CA PHE C 218 -31.77 -6.12 -10.06
C PHE C 218 -31.34 -7.54 -9.94
N HIS C 219 -32.28 -8.47 -9.76
CA HIS C 219 -31.94 -9.88 -9.83
C HIS C 219 -32.95 -10.74 -10.56
N HIS C 220 -32.41 -11.83 -11.05
CA HIS C 220 -33.07 -12.78 -11.91
C HIS C 220 -33.85 -13.73 -11.04
N ALA C 221 -35.00 -14.13 -11.53
CA ALA C 221 -35.94 -15.01 -10.83
C ALA C 221 -35.36 -16.34 -10.35
N ARG C 222 -34.30 -16.81 -10.99
CA ARG C 222 -33.64 -18.08 -10.62
C ARG C 222 -32.38 -17.90 -9.77
N THR C 223 -32.02 -16.64 -9.50
CA THR C 223 -30.91 -16.37 -8.60
C THR C 223 -31.28 -16.66 -7.14
N VAL C 224 -30.50 -17.54 -6.52
CA VAL C 224 -30.61 -17.78 -5.09
C VAL C 224 -30.17 -16.51 -4.33
N HIS C 225 -31.04 -16.02 -3.45
CA HIS C 225 -30.78 -14.86 -2.60
C HIS C 225 -31.32 -15.02 -1.18
N SER C 226 -30.75 -14.29 -0.24
CA SER C 226 -31.13 -14.28 1.17
C SER C 226 -31.00 -12.87 1.62
N ALA C 227 -31.41 -12.61 2.86
CA ALA C 227 -31.12 -11.34 3.52
C ALA C 227 -30.85 -11.61 4.98
N GLY C 228 -30.05 -10.73 5.57
CA GLY C 228 -29.77 -10.77 6.99
C GLY C 228 -30.95 -10.22 7.82
N ALA C 229 -30.90 -10.50 9.12
CA ALA C 229 -31.71 -9.78 10.10
C ALA C 229 -31.34 -8.31 10.07
N ASN C 230 -32.27 -7.44 10.41
CA ASN C 230 -31.92 -6.08 10.81
C ASN C 230 -31.58 -6.12 12.29
N SER C 231 -30.28 -6.06 12.59
CA SER C 231 -29.87 -5.99 14.00
C SER C 231 -29.53 -4.57 14.46
N THR C 232 -29.96 -3.53 13.74
CA THR C 232 -29.89 -2.14 14.18
C THR C 232 -31.23 -1.66 14.75
N ASP C 233 -31.23 -0.49 15.37
CA ASP C 233 -32.48 0.14 15.80
C ASP C 233 -33.06 1.18 14.81
N GLU C 234 -32.80 0.98 13.52
CA GLU C 234 -33.41 1.82 12.49
C GLU C 234 -34.04 0.94 11.42
N PRO C 235 -35.28 1.21 11.06
CA PRO C 235 -35.98 0.22 10.26
C PRO C 235 -35.35 0.05 8.88
N ARG C 236 -35.28 -1.19 8.41
CA ARG C 236 -34.92 -1.43 7.00
C ARG C 236 -36.18 -1.24 6.16
N LEU C 237 -36.12 -0.23 5.29
CA LEU C 237 -37.18 0.13 4.40
C LEU C 237 -36.71 0.05 2.95
N SER C 238 -37.43 -0.74 2.15
CA SER C 238 -37.19 -0.85 0.70
C SER C 238 -38.47 -1.26 -0.05
N THR C 239 -38.45 -1.09 -1.38
CA THR C 239 -39.46 -1.65 -2.27
C THR C 239 -38.85 -2.73 -3.17
N SER C 240 -39.66 -3.75 -3.48
CA SER C 240 -39.27 -4.89 -4.31
C SER C 240 -40.33 -5.06 -5.41
N ALA C 241 -39.93 -4.71 -6.63
CA ALA C 241 -40.84 -4.68 -7.77
C ALA C 241 -40.48 -5.82 -8.71
N VAL C 242 -41.47 -6.65 -9.03
CA VAL C 242 -41.31 -7.78 -9.95
C VAL C 242 -41.83 -7.41 -11.33
N TYR C 243 -41.00 -7.65 -12.33
CA TYR C 243 -41.25 -7.31 -13.71
C TYR C 243 -41.25 -8.58 -14.55
N MET C 244 -42.19 -8.65 -15.48
CA MET C 244 -42.43 -9.84 -16.28
C MET C 244 -42.37 -9.46 -17.75
N ASP C 245 -42.04 -10.44 -18.58
CA ASP C 245 -42.19 -10.33 -20.02
C ASP C 245 -43.58 -9.80 -20.35
N ALA C 246 -43.62 -8.84 -21.26
CA ALA C 246 -44.81 -8.07 -21.50
C ALA C 246 -45.92 -8.86 -22.19
N THR C 247 -45.61 -10.06 -22.69
CA THR C 247 -46.58 -11.05 -23.19
C THR C 247 -46.94 -12.13 -22.15
N ALA C 248 -46.63 -11.88 -20.88
CA ALA C 248 -46.85 -12.86 -19.83
C ALA C 248 -48.38 -13.14 -19.69
N ALA C 249 -48.68 -14.42 -19.48
CA ALA C 249 -49.99 -14.91 -19.24
C ALA C 249 -50.06 -15.56 -17.86
N TYR C 250 -51.26 -15.62 -17.35
CA TYR C 250 -51.53 -16.20 -16.06
C TYR C 250 -51.21 -17.70 -15.99
N ARG C 251 -50.53 -18.11 -14.93
CA ARG C 251 -50.17 -19.52 -14.70
C ARG C 251 -50.28 -19.75 -13.18
N PRO C 252 -51.28 -20.51 -12.71
CA PRO C 252 -51.39 -20.66 -11.25
C PRO C 252 -50.29 -21.54 -10.67
N THR C 253 -49.73 -21.08 -9.55
CA THR C 253 -48.79 -21.85 -8.71
C THR C 253 -49.46 -22.97 -7.90
N GLY C 254 -50.74 -22.82 -7.59
CA GLY C 254 -51.44 -23.74 -6.71
C GLY C 254 -51.48 -23.32 -5.26
N ILE C 255 -50.72 -22.29 -4.89
CA ILE C 255 -50.76 -21.64 -3.58
C ILE C 255 -51.72 -20.46 -3.70
N ALA C 256 -52.84 -20.52 -2.99
CA ALA C 256 -53.89 -19.51 -3.10
C ALA C 256 -53.42 -18.05 -2.88
N PHE C 257 -52.63 -17.79 -1.84
CA PHE C 257 -52.24 -16.39 -1.58
C PHE C 257 -51.31 -15.85 -2.66
N LEU C 258 -50.60 -16.72 -3.36
CA LEU C 258 -49.83 -16.29 -4.53
C LEU C 258 -50.72 -16.08 -5.74
N ASP C 259 -51.72 -16.96 -5.89
CA ASP C 259 -52.56 -17.03 -7.08
C ASP C 259 -53.71 -16.04 -7.13
N ASP C 260 -54.13 -15.54 -5.99
CA ASP C 260 -55.28 -14.62 -5.93
C ASP C 260 -54.81 -13.19 -6.10
N LEU C 261 -54.95 -12.66 -7.31
CA LEU C 261 -54.45 -11.33 -7.61
C LEU C 261 -55.53 -10.29 -7.39
N PRO C 262 -55.30 -9.30 -6.52
CA PRO C 262 -56.28 -8.24 -6.33
C PRO C 262 -56.30 -7.25 -7.48
N GLY C 263 -57.43 -6.58 -7.65
CA GLY C 263 -57.59 -5.56 -8.68
C GLY C 263 -57.63 -6.12 -10.08
N THR C 264 -57.99 -7.39 -10.19
CA THR C 264 -58.04 -8.09 -11.46
C THR C 264 -59.44 -8.58 -11.77
N GLY C 265 -60.47 -7.82 -11.42
CA GLY C 265 -61.87 -8.19 -11.72
C GLY C 265 -62.55 -9.10 -10.70
N ALA C 266 -63.87 -9.22 -10.86
CA ALA C 266 -64.73 -10.06 -9.98
C ALA C 266 -64.30 -11.53 -9.88
N ASP C 267 -63.93 -12.09 -11.03
CA ASP C 267 -63.76 -13.54 -11.20
C ASP C 267 -62.32 -13.97 -11.19
N PRO C 268 -62.04 -15.19 -10.67
CA PRO C 268 -60.68 -15.70 -10.70
C PRO C 268 -60.17 -15.81 -12.13
N LEU C 269 -58.89 -15.49 -12.31
CA LEU C 269 -58.25 -15.52 -13.61
C LEU C 269 -58.09 -16.95 -14.10
N ARG C 270 -58.08 -17.05 -15.42
CA ARG C 270 -58.05 -18.34 -16.06
C ARG C 270 -56.63 -18.60 -16.57
N GLU C 271 -56.17 -19.84 -16.44
CA GLU C 271 -54.84 -20.19 -16.89
C GLU C 271 -54.71 -19.83 -18.37
N GLY C 272 -53.67 -19.10 -18.73
CA GLY C 272 -53.48 -18.61 -20.10
C GLY C 272 -53.94 -17.20 -20.39
N ALA C 273 -54.67 -16.56 -19.46
CA ALA C 273 -55.21 -15.20 -19.68
C ALA C 273 -54.07 -14.20 -19.74
N PRO C 274 -54.03 -13.33 -20.77
CA PRO C 274 -52.95 -12.34 -20.77
C PRO C 274 -53.02 -11.40 -19.56
N LEU C 275 -51.86 -11.01 -19.02
CA LEU C 275 -51.81 -9.99 -17.98
C LEU C 275 -51.48 -8.67 -18.64
N THR C 276 -52.46 -7.81 -18.85
CA THR C 276 -52.32 -6.58 -19.66
C THR C 276 -53.08 -5.44 -19.02
N GLY C 277 -53.04 -4.25 -19.61
CA GLY C 277 -53.79 -3.09 -19.10
C GLY C 277 -53.11 -2.40 -17.91
N ASP C 278 -53.78 -1.39 -17.37
CA ASP C 278 -53.25 -0.61 -16.24
C ASP C 278 -52.90 -1.43 -15.02
N ARG C 279 -53.63 -2.52 -14.79
CA ARG C 279 -53.32 -3.43 -13.72
C ARG C 279 -51.90 -4.05 -13.82
N PHE C 280 -51.41 -4.22 -15.05
CA PHE C 280 -50.12 -4.83 -15.34
C PHE C 280 -49.42 -3.96 -16.40
N PRO C 281 -49.13 -2.71 -16.03
CA PRO C 281 -48.74 -1.69 -17.00
C PRO C 281 -47.42 -1.98 -17.70
N LEU C 282 -47.35 -1.65 -18.98
CA LEU C 282 -46.08 -1.62 -19.70
C LEU C 282 -45.12 -0.64 -19.03
N LEU C 283 -43.86 -1.06 -18.88
CA LEU C 283 -42.83 -0.16 -18.41
C LEU C 283 -42.43 0.89 -19.45
N ARG C 284 -42.65 0.62 -20.73
CA ARG C 284 -42.19 1.50 -21.79
C ARG C 284 -43.04 2.77 -21.90
N ASP D 29 -0.66 -25.47 -17.17
CA ASP D 29 -1.56 -24.64 -18.03
C ASP D 29 -1.27 -23.13 -17.87
N PRO D 30 -0.45 -22.56 -18.79
CA PRO D 30 -0.08 -21.13 -18.75
C PRO D 30 -1.28 -20.17 -18.70
N ALA D 31 -2.26 -20.39 -19.56
CA ALA D 31 -3.46 -19.57 -19.67
C ALA D 31 -4.27 -19.55 -18.37
N ALA D 32 -4.53 -20.74 -17.81
CA ALA D 32 -5.28 -20.89 -16.55
C ALA D 32 -4.57 -20.26 -15.37
N LEU D 33 -3.24 -20.37 -15.40
CA LEU D 33 -2.43 -19.82 -14.32
C LEU D 33 -2.48 -18.29 -14.35
N GLU D 34 -2.36 -17.71 -15.56
CA GLU D 34 -2.55 -16.26 -15.74
C GLU D 34 -3.97 -15.74 -15.41
N ARG D 35 -5.01 -16.53 -15.70
CA ARG D 35 -6.37 -16.18 -15.27
C ARG D 35 -6.48 -16.16 -13.77
N LEU D 36 -5.82 -17.11 -13.13
CA LEU D 36 -5.79 -17.17 -11.65
C LEU D 36 -5.16 -15.92 -11.05
N ALA D 37 -4.06 -15.49 -11.65
CA ALA D 37 -3.37 -14.24 -11.27
C ALA D 37 -4.20 -13.01 -11.53
N ALA D 38 -4.85 -12.98 -12.69
CA ALA D 38 -5.80 -11.91 -13.06
C ALA D 38 -6.82 -11.67 -11.97
N ARG D 39 -7.43 -12.74 -11.48
CA ARG D 39 -8.40 -12.68 -10.38
C ARG D 39 -7.79 -12.24 -9.06
N TYR D 40 -6.58 -12.72 -8.75
CA TYR D 40 -5.86 -12.32 -7.54
C TYR D 40 -5.64 -10.80 -7.56
N ARG D 41 -5.12 -10.27 -8.66
CA ARG D 41 -4.87 -8.82 -8.76
C ARG D 41 -6.15 -7.97 -8.68
N ARG D 42 -7.26 -8.51 -9.18
CA ARG D 42 -8.55 -7.80 -9.20
C ARG D 42 -9.17 -7.80 -7.80
N ASP D 43 -9.25 -8.98 -7.19
CA ASP D 43 -10.02 -9.18 -5.95
C ASP D 43 -9.20 -9.20 -4.65
N GLY D 44 -7.89 -9.42 -4.76
CA GLY D 44 -7.02 -9.50 -3.59
C GLY D 44 -7.04 -10.85 -2.93
N TYR D 45 -7.70 -11.80 -3.57
CA TYR D 45 -7.75 -13.19 -3.12
C TYR D 45 -8.12 -14.06 -4.31
N VAL D 46 -7.91 -15.36 -4.17
CA VAL D 46 -8.35 -16.31 -5.15
C VAL D 46 -8.52 -17.67 -4.47
N HIS D 47 -9.44 -18.49 -4.99
CA HIS D 47 -9.76 -19.82 -4.45
C HIS D 47 -9.20 -20.83 -5.46
N VAL D 48 -8.42 -21.80 -5.00
CA VAL D 48 -7.87 -22.84 -5.85
C VAL D 48 -8.32 -24.18 -5.27
N PRO D 49 -9.23 -24.89 -5.97
CA PRO D 49 -9.76 -26.13 -5.44
C PRO D 49 -8.82 -27.32 -5.61
N GLY D 50 -8.85 -28.25 -4.66
CA GLY D 50 -8.09 -29.51 -4.73
C GLY D 50 -6.59 -29.39 -4.87
N VAL D 51 -6.02 -28.37 -4.22
CA VAL D 51 -4.58 -28.13 -4.31
C VAL D 51 -3.79 -29.28 -3.70
N LEU D 52 -4.32 -29.89 -2.63
CA LEU D 52 -3.87 -31.19 -2.09
C LEU D 52 -4.81 -32.33 -2.49
N ASP D 53 -4.28 -33.50 -2.85
CA ASP D 53 -5.13 -34.69 -3.09
C ASP D 53 -5.55 -35.32 -1.75
N ALA D 54 -6.42 -36.33 -1.80
CA ALA D 54 -7.06 -36.89 -0.59
C ALA D 54 -6.05 -37.46 0.39
N GLY D 55 -5.13 -38.28 -0.12
CA GLY D 55 -4.00 -38.82 0.65
C GLY D 55 -3.16 -37.78 1.37
N GLU D 56 -2.85 -36.68 0.69
CA GLU D 56 -2.15 -35.55 1.31
C GLU D 56 -2.98 -34.92 2.46
N VAL D 57 -4.27 -34.70 2.18
CA VAL D 57 -5.23 -34.17 3.18
C VAL D 57 -5.23 -35.00 4.45
N ALA D 58 -5.26 -36.32 4.30
CA ALA D 58 -5.30 -37.24 5.43
C ALA D 58 -4.03 -37.16 6.28
N GLU D 59 -2.87 -37.08 5.64
CA GLU D 59 -1.59 -37.00 6.34
C GLU D 59 -1.53 -35.69 7.12
N TYR D 60 -1.67 -34.57 6.41
CA TYR D 60 -1.56 -33.24 7.02
C TYR D 60 -2.63 -32.99 8.08
N LEU D 61 -3.83 -33.58 7.90
CA LEU D 61 -4.90 -33.55 8.91
C LEU D 61 -4.51 -34.28 10.20
N ALA D 62 -3.93 -35.48 10.06
CA ALA D 62 -3.45 -36.28 11.20
C ALA D 62 -2.43 -35.51 12.03
N GLU D 63 -1.44 -34.95 11.35
CA GLU D 63 -0.43 -34.12 11.98
C GLU D 63 -1.02 -32.85 12.62
N ALA D 64 -2.02 -32.24 12.01
CA ALA D 64 -2.64 -31.04 12.56
C ALA D 64 -3.22 -31.33 13.94
N ARG D 65 -4.03 -32.39 14.01
CA ARG D 65 -4.60 -32.83 15.29
C ARG D 65 -3.53 -33.28 16.30
N ARG D 66 -2.49 -33.96 15.82
CA ARG D 66 -1.41 -34.45 16.69
C ARG D 66 -0.76 -33.28 17.40
N LEU D 67 -0.33 -32.29 16.64
CA LEU D 67 0.23 -31.06 17.20
C LEU D 67 -0.72 -30.37 18.20
N LEU D 68 -1.98 -30.26 17.81
CA LEU D 68 -2.99 -29.61 18.65
C LEU D 68 -3.27 -30.34 19.97
N ALA D 69 -3.11 -31.67 19.98
CA ALA D 69 -3.39 -32.48 21.15
C ALA D 69 -2.20 -32.56 22.12
N HIS D 70 -1.00 -32.49 21.55
CA HIS D 70 0.25 -32.86 22.23
C HIS D 70 1.24 -31.69 22.41
N GLU D 71 1.31 -30.78 21.44
CA GLU D 71 2.05 -29.53 21.60
C GLU D 71 1.20 -28.49 22.34
N GLU D 72 1.84 -27.37 22.65
CA GLU D 72 1.19 -26.23 23.27
C GLU D 72 0.55 -25.45 22.14
N SER D 73 -0.53 -24.76 22.45
CA SER D 73 -1.18 -23.91 21.48
C SER D 73 -1.41 -22.52 22.09
N VAL D 74 -1.78 -21.59 21.23
CA VAL D 74 -2.05 -20.21 21.61
C VAL D 74 -3.55 -20.00 21.42
N ARG D 75 -4.19 -19.41 22.41
CA ARG D 75 -5.60 -19.08 22.36
C ARG D 75 -5.73 -17.63 21.94
N TRP D 76 -6.28 -17.41 20.75
CA TRP D 76 -6.74 -16.10 20.32
C TRP D 76 -8.17 -15.97 20.83
N GLY D 77 -8.42 -14.99 21.68
CA GLY D 77 -9.73 -14.87 22.28
C GLY D 77 -10.29 -13.51 22.66
N SER D 78 -11.16 -13.58 23.68
CA SER D 78 -11.74 -12.47 24.49
C SER D 78 -12.66 -13.15 25.53
N GLY D 79 -13.30 -12.36 26.40
CA GLY D 79 -14.43 -12.82 27.23
C GLY D 79 -15.70 -13.20 26.42
N ALA D 80 -15.76 -12.76 25.15
CA ALA D 80 -16.82 -13.17 24.17
C ALA D 80 -16.73 -14.67 23.79
N GLY D 81 -15.54 -15.10 23.40
CA GLY D 81 -15.23 -16.53 23.24
C GLY D 81 -13.91 -16.71 22.49
N THR D 82 -13.52 -17.97 22.37
CA THR D 82 -12.36 -18.36 21.58
C THR D 82 -12.60 -18.10 20.09
N VAL D 83 -11.76 -17.23 19.50
CA VAL D 83 -11.72 -16.99 18.07
C VAL D 83 -11.11 -18.18 17.38
N MET D 84 -9.99 -18.64 17.92
CA MET D 84 -9.42 -19.91 17.48
C MET D 84 -8.34 -20.30 18.47
N ASP D 85 -7.98 -21.58 18.45
CA ASP D 85 -6.71 -22.05 19.00
C ASP D 85 -5.74 -22.36 17.84
N TYR D 86 -4.46 -22.04 18.04
CA TYR D 86 -3.42 -22.33 17.03
C TYR D 86 -2.04 -22.71 17.57
N VAL D 87 -1.37 -23.56 16.80
CA VAL D 87 0.03 -23.85 17.02
C VAL D 87 0.79 -22.80 16.19
N ALA D 88 1.57 -21.96 16.88
CA ALA D 88 2.35 -20.89 16.23
C ALA D 88 3.58 -21.51 15.60
N ASP D 89 4.06 -20.96 14.49
CA ASP D 89 5.36 -21.37 13.90
C ASP D 89 5.55 -22.90 13.93
N ALA D 90 4.50 -23.58 13.48
CA ALA D 90 4.33 -25.03 13.57
C ALA D 90 5.31 -25.80 12.68
N GLN D 91 5.73 -25.17 11.58
CA GLN D 91 6.77 -25.76 10.72
C GLN D 91 8.09 -26.04 11.47
N LEU D 92 8.31 -25.36 12.61
CA LEU D 92 9.57 -25.51 13.38
C LEU D 92 9.72 -26.86 14.10
N GLY D 93 8.66 -27.35 14.74
CA GLY D 93 8.68 -28.67 15.40
C GLY D 93 8.15 -29.87 14.61
N SER D 94 7.68 -29.62 13.37
CA SER D 94 7.06 -30.65 12.54
C SER D 94 7.51 -30.56 11.08
N ASP D 95 8.27 -31.57 10.65
CA ASP D 95 8.72 -31.68 9.24
C ASP D 95 7.53 -31.76 8.28
N THR D 96 6.54 -32.56 8.66
CA THR D 96 5.30 -32.72 7.90
C THR D 96 4.69 -31.35 7.58
N MET D 97 4.55 -30.52 8.62
CA MET D 97 4.02 -29.17 8.45
C MET D 97 4.95 -28.26 7.64
N ARG D 98 6.25 -28.45 7.80
CA ARG D 98 7.23 -27.76 6.96
C ARG D 98 7.07 -28.09 5.47
N ARG D 99 6.78 -29.37 5.17
CA ARG D 99 6.54 -29.83 3.79
C ARG D 99 5.27 -29.26 3.19
N LEU D 100 4.25 -29.06 4.03
CA LEU D 100 3.03 -28.36 3.62
C LEU D 100 3.27 -26.87 3.39
N ALA D 101 4.09 -26.26 4.25
CA ALA D 101 4.46 -24.85 4.11
C ALA D 101 5.24 -24.60 2.82
N THR D 102 5.98 -25.61 2.40
CA THR D 102 6.76 -25.57 1.18
C THR D 102 6.26 -26.57 0.14
N HIS D 103 4.97 -26.89 0.16
CA HIS D 103 4.42 -27.83 -0.81
C HIS D 103 4.67 -27.24 -2.22
N PRO D 104 5.16 -28.06 -3.18
CA PRO D 104 5.58 -27.53 -4.49
C PRO D 104 4.50 -26.78 -5.25
N ARG D 105 3.31 -27.37 -5.30
CA ARG D 105 2.17 -26.80 -6.02
C ARG D 105 1.74 -25.46 -5.40
N ILE D 106 1.51 -25.44 -4.09
CA ILE D 106 1.18 -24.18 -3.36
C ILE D 106 2.24 -23.10 -3.56
N ALA D 107 3.51 -23.52 -3.55
CA ALA D 107 4.66 -22.62 -3.70
C ALA D 107 4.67 -21.98 -5.10
N ALA D 108 4.62 -22.81 -6.12
CA ALA D 108 4.61 -22.33 -7.49
C ALA D 108 3.44 -21.36 -7.71
N LEU D 109 2.25 -21.72 -7.22
CA LEU D 109 1.10 -20.81 -7.28
C LEU D 109 1.41 -19.51 -6.56
N ALA D 110 1.90 -19.62 -5.33
CA ALA D 110 2.15 -18.43 -4.52
C ALA D 110 3.17 -17.47 -5.15
N GLU D 111 4.24 -18.00 -5.73
CA GLU D 111 5.21 -17.16 -6.44
C GLU D 111 4.62 -16.48 -7.68
N TYR D 112 3.86 -17.24 -8.46
CA TYR D 112 3.22 -16.69 -9.66
C TYR D 112 2.20 -15.60 -9.31
N LEU D 113 1.47 -15.79 -8.23
CA LEU D 113 0.53 -14.77 -7.78
C LEU D 113 1.21 -13.51 -7.27
N ALA D 114 2.27 -13.68 -6.48
CA ALA D 114 2.98 -12.53 -5.91
C ALA D 114 3.76 -11.81 -6.99
N GLY D 115 4.29 -12.57 -7.96
CA GLY D 115 5.08 -12.04 -9.03
C GLY D 115 6.54 -11.84 -8.68
N SER D 116 7.03 -12.55 -7.66
CA SER D 116 8.46 -12.54 -7.35
C SER D 116 8.80 -13.74 -6.47
N PRO D 117 10.11 -14.04 -6.34
CA PRO D 117 10.47 -15.18 -5.50
C PRO D 117 10.07 -14.93 -4.04
N LEU D 118 9.76 -16.02 -3.33
CA LEU D 118 9.27 -15.92 -1.95
C LEU D 118 10.01 -16.74 -0.92
N ARG D 119 9.84 -16.35 0.34
CA ARG D 119 10.19 -17.19 1.47
C ARG D 119 8.98 -17.48 2.34
N LEU D 120 9.02 -18.63 3.01
CA LEU D 120 8.11 -18.92 4.12
C LEU D 120 8.47 -18.03 5.30
N PHE D 121 7.51 -17.25 5.79
CA PHE D 121 7.67 -16.52 7.06
C PHE D 121 7.24 -17.40 8.23
N LYS D 122 6.01 -17.94 8.13
CA LYS D 122 5.45 -18.85 9.12
C LYS D 122 4.26 -19.69 8.59
N LEU D 123 4.01 -20.81 9.23
CA LEU D 123 2.82 -21.61 9.04
C LEU D 123 2.17 -21.82 10.41
N GLU D 124 0.86 -21.63 10.47
CA GLU D 124 0.10 -21.81 11.71
C GLU D 124 -0.99 -22.84 11.52
N VAL D 125 -1.10 -23.76 12.48
CA VAL D 125 -2.19 -24.74 12.45
C VAL D 125 -3.38 -24.17 13.21
N LEU D 126 -4.51 -23.98 12.52
CA LEU D 126 -5.71 -23.34 13.07
C LEU D 126 -6.85 -24.31 13.42
N LEU D 127 -7.62 -23.93 14.45
CA LEU D 127 -8.73 -24.72 14.99
C LEU D 127 -9.82 -23.78 15.51
N LYS D 128 -11.02 -23.89 14.95
CA LYS D 128 -12.25 -23.40 15.59
C LYS D 128 -13.09 -24.62 15.96
N GLU D 129 -13.55 -24.66 17.20
CA GLU D 129 -14.48 -25.68 17.63
C GLU D 129 -15.28 -25.21 18.85
N ASN D 130 -16.34 -25.94 19.14
CA ASN D 130 -17.14 -25.69 20.32
C ASN D 130 -16.78 -26.70 21.39
N LYS D 131 -16.18 -26.20 22.47
CA LYS D 131 -15.93 -27.01 23.67
C LYS D 131 -17.08 -26.78 24.60
N GLU D 132 -17.10 -27.56 25.66
CA GLU D 132 -18.27 -27.64 26.53
C GLU D 132 -18.61 -26.29 27.20
N LYS D 133 -17.57 -25.60 27.67
CA LYS D 133 -17.73 -24.31 28.38
C LYS D 133 -17.39 -23.10 27.53
N ASP D 134 -17.19 -23.32 26.23
CA ASP D 134 -16.48 -22.38 25.40
C ASP D 134 -16.99 -22.52 23.97
N ALA D 135 -17.80 -21.56 23.57
CA ALA D 135 -18.34 -21.50 22.21
C ALA D 135 -17.33 -20.88 21.22
N SER D 136 -17.33 -21.41 20.00
CA SER D 136 -16.61 -20.80 18.88
C SER D 136 -17.28 -19.48 18.52
N VAL D 137 -16.48 -18.43 18.29
CA VAL D 137 -16.99 -17.10 17.87
C VAL D 137 -16.35 -16.71 16.52
N PRO D 138 -16.81 -15.61 15.90
CA PRO D 138 -16.21 -15.27 14.61
C PRO D 138 -14.77 -14.77 14.70
N THR D 139 -14.08 -14.77 13.55
CA THR D 139 -12.81 -14.07 13.37
C THR D 139 -13.20 -12.71 12.77
N ALA D 140 -13.07 -11.64 13.54
CA ALA D 140 -13.60 -10.35 13.13
C ALA D 140 -12.83 -9.86 11.93
N PRO D 141 -13.45 -8.97 11.12
CA PRO D 141 -12.69 -8.46 9.98
C PRO D 141 -11.39 -7.84 10.47
N HIS D 142 -10.30 -8.03 9.75
CA HIS D 142 -9.01 -7.48 10.11
C HIS D 142 -8.13 -7.22 8.88
N HIS D 143 -7.05 -6.50 9.08
CA HIS D 143 -6.08 -6.12 8.03
C HIS D 143 -4.69 -6.58 8.49
N ASP D 144 -4.28 -7.78 8.06
CA ASP D 144 -3.03 -8.40 8.52
C ASP D 144 -1.70 -7.64 8.21
N ALA D 145 -1.63 -6.90 7.10
CA ALA D 145 -0.38 -6.37 6.55
C ALA D 145 0.66 -5.97 7.57
N PHE D 146 0.39 -4.93 8.32
CA PHE D 146 1.42 -4.37 9.18
C PHE D 146 1.57 -5.05 10.55
N ALA D 147 0.87 -6.18 10.75
CA ALA D 147 1.14 -7.13 11.85
C ALA D 147 2.18 -8.23 11.46
N PHE D 148 2.73 -8.11 10.25
CA PHE D 148 3.87 -8.93 9.84
C PHE D 148 5.15 -8.13 10.08
N PRO D 149 6.06 -8.63 10.93
CA PRO D 149 7.25 -7.88 11.29
C PRO D 149 8.37 -7.95 10.22
N PHE D 150 8.04 -7.48 9.02
CA PHE D 150 8.98 -7.45 7.92
C PHE D 150 8.65 -6.38 6.92
N SER D 151 9.69 -6.02 6.17
CA SER D 151 9.77 -4.80 5.40
C SER D 151 8.79 -4.80 4.24
N THR D 152 8.59 -5.96 3.62
CA THR D 152 7.66 -6.12 2.51
C THR D 152 6.26 -6.61 2.96
N ALA D 153 5.87 -6.22 4.17
CA ALA D 153 4.61 -6.66 4.78
C ALA D 153 3.44 -6.40 3.90
N GLY D 154 3.44 -5.23 3.27
CA GLY D 154 2.32 -4.75 2.52
C GLY D 154 2.00 -5.51 1.22
N THR D 155 2.91 -6.37 0.76
CA THR D 155 2.70 -7.20 -0.42
C THR D 155 2.82 -8.69 -0.09
N ALA D 156 2.79 -9.04 1.20
CA ALA D 156 2.78 -10.44 1.59
C ALA D 156 1.49 -11.15 1.11
N LEU D 157 1.55 -12.48 1.16
CA LEU D 157 0.56 -13.34 0.57
C LEU D 157 0.34 -14.50 1.53
N THR D 158 -0.93 -14.84 1.78
CA THR D 158 -1.27 -15.93 2.73
C THR D 158 -2.02 -17.10 2.09
N ALA D 159 -1.57 -18.31 2.37
CA ALA D 159 -2.21 -19.54 1.91
C ALA D 159 -2.97 -20.20 3.07
N TRP D 160 -4.30 -20.32 2.89
CA TRP D 160 -5.21 -20.91 3.87
C TRP D 160 -5.72 -22.23 3.29
N VAL D 161 -5.24 -23.35 3.87
CA VAL D 161 -5.52 -24.69 3.35
C VAL D 161 -6.51 -25.40 4.25
N ALA D 162 -7.59 -25.92 3.65
CA ALA D 162 -8.61 -26.63 4.42
C ALA D 162 -8.17 -28.08 4.53
N LEU D 163 -8.15 -28.59 5.76
CA LEU D 163 -7.83 -30.00 6.05
C LEU D 163 -9.07 -30.85 6.34
N VAL D 164 -10.20 -30.18 6.60
CA VAL D 164 -11.52 -30.80 6.53
C VAL D 164 -12.39 -29.98 5.56
N ASP D 165 -13.61 -30.45 5.28
CA ASP D 165 -14.62 -29.64 4.59
C ASP D 165 -14.96 -28.43 5.46
N VAL D 166 -14.94 -27.25 4.85
CA VAL D 166 -15.34 -26.02 5.54
C VAL D 166 -16.52 -25.35 4.80
N PRO D 167 -17.75 -25.81 5.03
CA PRO D 167 -18.89 -25.03 4.52
C PRO D 167 -19.04 -23.75 5.32
N VAL D 168 -20.02 -22.94 4.99
CA VAL D 168 -20.18 -21.63 5.60
C VAL D 168 -20.35 -21.77 7.12
N GLU D 169 -21.30 -22.60 7.54
CA GLU D 169 -21.63 -22.76 8.96
C GLU D 169 -20.44 -23.19 9.85
N ARG D 170 -19.44 -23.86 9.27
CA ARG D 170 -18.24 -24.28 10.00
C ARG D 170 -17.14 -23.20 10.09
N GLY D 171 -17.36 -22.03 9.50
CA GLY D 171 -16.46 -20.88 9.67
C GLY D 171 -15.45 -20.68 8.57
N CYS D 172 -15.89 -20.83 7.31
CA CYS D 172 -15.08 -20.42 6.18
C CYS D 172 -14.87 -18.90 6.20
N MET D 173 -13.95 -18.44 5.37
CA MET D 173 -13.67 -17.02 5.25
C MET D 173 -14.59 -16.22 4.30
N THR D 174 -14.61 -14.92 4.58
CA THR D 174 -15.21 -13.92 3.74
C THR D 174 -14.13 -12.87 3.43
N PHE D 175 -14.05 -12.47 2.18
CA PHE D 175 -13.13 -11.41 1.77
C PHE D 175 -13.91 -10.23 1.23
N VAL D 176 -13.28 -9.06 1.22
CA VAL D 176 -13.84 -7.89 0.55
C VAL D 176 -13.05 -7.73 -0.75
N PRO D 177 -13.60 -8.12 -1.91
CA PRO D 177 -12.83 -8.00 -3.11
C PRO D 177 -12.42 -6.56 -3.43
N GLY D 178 -11.16 -6.37 -3.85
CA GLY D 178 -10.65 -5.03 -4.13
C GLY D 178 -10.20 -4.24 -2.89
N SER D 179 -10.41 -4.76 -1.68
CA SER D 179 -10.01 -4.04 -0.47
C SER D 179 -8.49 -3.84 -0.40
N HIS D 180 -7.74 -4.79 -0.96
CA HIS D 180 -6.28 -4.65 -1.12
C HIS D 180 -5.76 -3.45 -1.89
N LEU D 181 -6.65 -2.75 -2.57
CA LEU D 181 -6.29 -1.57 -3.37
C LEU D 181 -6.59 -0.26 -2.65
N LEU D 182 -7.18 -0.33 -1.47
CA LEU D 182 -7.49 0.87 -0.69
C LEU D 182 -6.24 1.34 0.06
N PRO D 183 -6.19 2.65 0.35
CA PRO D 183 -5.10 3.12 1.17
C PRO D 183 -5.19 2.46 2.54
N ASP D 184 -4.03 2.21 3.13
CA ASP D 184 -3.90 1.54 4.41
C ASP D 184 -4.71 2.28 5.45
N PRO D 185 -5.23 1.56 6.44
CA PRO D 185 -5.96 2.23 7.50
C PRO D 185 -5.04 3.13 8.33
N ASP D 186 -5.60 4.18 8.93
CA ASP D 186 -4.85 5.04 9.85
C ASP D 186 -4.19 4.15 10.91
N THR D 187 -2.88 4.32 11.10
CA THR D 187 -2.13 3.40 11.98
C THR D 187 -2.54 3.70 13.43
N GLY D 188 -3.41 2.84 13.98
CA GLY D 188 -3.74 2.80 15.42
C GLY D 188 -2.73 2.06 16.31
N ASP D 189 -3.18 1.69 17.50
CA ASP D 189 -2.36 0.89 18.45
C ASP D 189 -2.08 -0.54 17.97
N GLU D 190 -3.04 -1.07 17.23
CA GLU D 190 -3.06 -2.47 16.87
C GLU D 190 -2.71 -2.56 15.37
N PRO D 191 -1.66 -3.32 15.04
CA PRO D 191 -1.19 -3.36 13.65
C PRO D 191 -2.10 -4.09 12.68
N TRP D 192 -3.01 -4.92 13.21
CA TRP D 192 -4.02 -5.67 12.44
C TRP D 192 -5.36 -4.92 12.32
N ALA D 193 -5.47 -3.75 12.95
CA ALA D 193 -6.72 -2.97 13.02
C ALA D 193 -7.00 -2.23 11.72
N GLY D 194 -8.18 -1.62 11.66
CA GLY D 194 -8.53 -0.67 10.60
C GLY D 194 -9.54 -1.13 9.54
N ALA D 195 -9.87 -2.42 9.53
CA ALA D 195 -10.93 -2.95 8.65
C ALA D 195 -12.19 -2.11 8.82
N PHE D 196 -12.79 -1.75 7.70
CA PHE D 196 -14.04 -0.98 7.65
C PHE D 196 -13.93 0.38 8.28
N THR D 197 -12.74 0.98 8.18
CA THR D 197 -12.53 2.36 8.59
C THR D 197 -12.36 3.32 7.42
N ARG D 198 -11.98 2.86 6.23
CA ARG D 198 -11.70 3.78 5.11
C ARG D 198 -13.00 4.37 4.58
N PRO D 199 -12.91 5.55 3.91
CA PRO D 199 -14.19 6.12 3.41
C PRO D 199 -14.76 5.26 2.28
N GLY D 200 -16.05 4.98 2.33
CA GLY D 200 -16.72 4.11 1.38
C GLY D 200 -16.62 2.61 1.61
N GLU D 201 -15.83 2.21 2.61
CA GLU D 201 -15.44 0.80 2.74
C GLU D 201 -16.62 -0.10 3.15
N ILE D 202 -17.46 0.39 4.05
CA ILE D 202 -18.56 -0.43 4.53
C ILE D 202 -19.56 -0.83 3.41
N TRP D 203 -19.53 -0.07 2.31
CA TRP D 203 -20.42 -0.26 1.17
C TRP D 203 -19.89 -1.19 0.11
N MET D 204 -18.68 -1.70 0.29
CA MET D 204 -18.10 -2.63 -0.63
C MET D 204 -18.76 -3.99 -0.42
N PRO D 205 -18.98 -4.74 -1.51
CA PRO D 205 -19.56 -6.07 -1.36
C PRO D 205 -18.61 -7.03 -0.74
N ARG D 206 -19.09 -8.12 -0.17
CA ARG D 206 -18.24 -9.10 0.47
C ARG D 206 -18.51 -10.48 -0.04
N VAL D 207 -17.49 -11.32 -0.11
CA VAL D 207 -17.64 -12.64 -0.69
C VAL D 207 -17.21 -13.72 0.27
N THR D 208 -18.14 -14.63 0.55
CA THR D 208 -18.00 -15.76 1.45
C THR D 208 -17.64 -17.01 0.67
N VAL D 209 -16.53 -17.62 1.01
CA VAL D 209 -15.88 -18.62 0.16
C VAL D 209 -15.83 -19.96 0.87
N PRO D 210 -16.86 -20.80 0.73
CA PRO D 210 -16.73 -22.09 1.39
C PRO D 210 -15.76 -22.97 0.64
N LEU D 211 -15.07 -23.85 1.36
CA LEU D 211 -14.06 -24.71 0.77
C LEU D 211 -14.28 -26.12 1.18
N ARG D 212 -13.95 -27.03 0.28
CA ARG D 212 -13.81 -28.45 0.61
CA ARG D 212 -13.80 -28.44 0.63
C ARG D 212 -12.37 -28.74 1.09
N ALA D 213 -12.19 -29.90 1.73
CA ALA D 213 -10.84 -30.35 2.09
C ALA D 213 -9.96 -30.42 0.84
N GLY D 214 -8.71 -30.03 0.99
CA GLY D 214 -7.78 -30.04 -0.13
C GLY D 214 -7.75 -28.74 -0.89
N ASP D 215 -8.78 -27.91 -0.72
CA ASP D 215 -8.85 -26.59 -1.34
C ASP D 215 -8.04 -25.62 -0.53
N CYS D 216 -7.62 -24.54 -1.18
CA CYS D 216 -7.11 -23.40 -0.47
C CYS D 216 -7.51 -22.08 -1.11
N THR D 217 -7.37 -21.01 -0.32
CA THR D 217 -7.38 -19.65 -0.82
C THR D 217 -5.99 -19.05 -0.68
N PHE D 218 -5.71 -18.09 -1.54
CA PHE D 218 -4.56 -17.21 -1.39
C PHE D 218 -5.12 -15.82 -1.23
N HIS D 219 -4.58 -15.03 -0.31
CA HIS D 219 -4.98 -13.65 -0.25
C HIS D 219 -3.86 -12.70 0.12
N HIS D 220 -3.98 -11.50 -0.45
CA HIS D 220 -3.05 -10.42 -0.28
C HIS D 220 -3.11 -9.87 1.14
N ALA D 221 -1.96 -9.39 1.59
CA ALA D 221 -1.79 -8.87 2.94
C ALA D 221 -2.67 -7.68 3.30
N ARG D 222 -3.05 -6.89 2.30
CA ARG D 222 -3.95 -5.75 2.49
C ARG D 222 -5.43 -6.04 2.24
N THR D 223 -5.75 -7.31 1.97
CA THR D 223 -7.13 -7.72 1.73
C THR D 223 -7.88 -7.89 3.06
N VAL D 224 -8.89 -7.07 3.26
CA VAL D 224 -9.82 -7.24 4.40
C VAL D 224 -10.54 -8.58 4.34
N HIS D 225 -10.43 -9.33 5.42
CA HIS D 225 -11.06 -10.62 5.57
C HIS D 225 -11.57 -10.92 6.97
N SER D 226 -12.48 -11.86 7.07
CA SER D 226 -13.10 -12.30 8.31
C SER D 226 -13.38 -13.78 8.18
N ALA D 227 -13.83 -14.37 9.27
CA ALA D 227 -14.37 -15.74 9.21
C ALA D 227 -15.51 -15.97 10.18
N GLY D 228 -16.44 -16.85 9.80
CA GLY D 228 -17.57 -17.20 10.66
C GLY D 228 -17.17 -17.97 11.92
N ALA D 229 -18.08 -18.01 12.90
CA ALA D 229 -17.98 -19.01 13.96
C ALA D 229 -18.10 -20.40 13.32
N ASN D 230 -17.62 -21.42 14.00
CA ASN D 230 -18.01 -22.76 13.66
C ASN D 230 -19.21 -23.04 14.53
N SER D 231 -20.40 -22.96 13.94
CA SER D 231 -21.64 -23.37 14.61
C SER D 231 -21.99 -24.84 14.37
N THR D 232 -21.02 -25.68 14.00
CA THR D 232 -21.20 -27.14 13.94
C THR D 232 -20.41 -27.84 15.06
N ASP D 233 -20.65 -29.14 15.20
CA ASP D 233 -19.97 -29.96 16.20
C ASP D 233 -18.84 -30.80 15.60
N GLU D 234 -18.35 -30.40 14.43
CA GLU D 234 -17.11 -30.95 13.90
C GLU D 234 -16.09 -29.83 13.80
N PRO D 235 -14.87 -30.08 14.33
CA PRO D 235 -13.86 -29.04 14.41
C PRO D 235 -13.40 -28.52 13.05
N ARG D 236 -13.24 -27.20 12.93
CA ARG D 236 -12.65 -26.57 11.76
C ARG D 236 -11.10 -26.58 11.86
N LEU D 237 -10.48 -27.43 11.05
CA LEU D 237 -9.03 -27.59 10.97
C LEU D 237 -8.51 -27.08 9.63
N SER D 238 -7.45 -26.27 9.70
CA SER D 238 -6.76 -25.71 8.54
C SER D 238 -5.34 -25.18 8.92
N THR D 239 -4.55 -24.86 7.89
CA THR D 239 -3.21 -24.24 8.04
C THR D 239 -3.21 -22.88 7.35
N SER D 240 -2.52 -21.90 7.96
CA SER D 240 -2.36 -20.54 7.41
C SER D 240 -0.87 -20.24 7.35
N ALA D 241 -0.37 -20.09 6.12
CA ALA D 241 1.05 -19.87 5.89
C ALA D 241 1.24 -18.52 5.26
N VAL D 242 2.08 -17.68 5.89
CA VAL D 242 2.39 -16.34 5.38
C VAL D 242 3.69 -16.40 4.62
N TYR D 243 3.64 -15.92 3.38
CA TYR D 243 4.79 -15.92 2.47
C TYR D 243 5.22 -14.48 2.25
N MET D 244 6.53 -14.26 2.21
CA MET D 244 7.07 -12.91 2.06
C MET D 244 8.02 -12.89 0.88
N ASP D 245 8.23 -11.69 0.35
CA ASP D 245 9.27 -11.45 -0.63
C ASP D 245 10.67 -11.98 -0.15
N ALA D 246 11.40 -12.65 -1.05
CA ALA D 246 12.64 -13.33 -0.70
C ALA D 246 13.75 -12.39 -0.16
N THR D 247 13.64 -11.09 -0.42
CA THR D 247 14.55 -10.05 0.13
C THR D 247 14.02 -9.32 1.39
N ALA D 248 12.93 -9.82 1.97
CA ALA D 248 12.37 -9.27 3.21
C ALA D 248 13.40 -9.15 4.34
N ALA D 249 13.36 -8.02 5.03
CA ALA D 249 14.19 -7.73 6.19
C ALA D 249 13.27 -7.51 7.38
N TYR D 250 13.79 -7.77 8.58
CA TYR D 250 13.05 -7.60 9.84
C TYR D 250 12.60 -6.15 10.06
N ARG D 251 11.34 -5.98 10.48
CA ARG D 251 10.76 -4.66 10.73
C ARG D 251 9.83 -4.79 11.94
N PRO D 252 10.31 -4.42 13.16
CA PRO D 252 9.45 -4.70 14.34
C PRO D 252 8.13 -3.97 14.27
N THR D 253 7.05 -4.68 14.59
CA THR D 253 5.69 -4.10 14.63
C THR D 253 5.45 -3.31 15.91
N GLY D 254 6.27 -3.53 16.93
CA GLY D 254 6.04 -2.97 18.28
C GLY D 254 5.24 -3.86 19.23
N ILE D 255 4.60 -4.90 18.72
CA ILE D 255 3.92 -5.87 19.55
C ILE D 255 4.86 -7.02 19.83
N ALA D 256 5.24 -7.18 21.10
CA ALA D 256 6.16 -8.22 21.55
C ALA D 256 5.89 -9.61 20.98
N PHE D 257 4.64 -10.11 21.10
CA PHE D 257 4.37 -11.50 20.68
C PHE D 257 4.42 -11.67 19.16
N LEU D 258 4.16 -10.60 18.41
CA LEU D 258 4.44 -10.58 16.95
C LEU D 258 5.93 -10.41 16.61
N ASP D 259 6.68 -9.69 17.45
CA ASP D 259 8.07 -9.38 17.13
C ASP D 259 9.07 -10.45 17.52
N ASP D 260 8.78 -11.24 18.55
CA ASP D 260 9.69 -12.31 19.00
C ASP D 260 9.54 -13.55 18.13
N LEU D 261 10.46 -13.74 17.19
CA LEU D 261 10.38 -14.88 16.28
C LEU D 261 11.19 -16.04 16.86
N PRO D 262 10.53 -17.19 17.09
CA PRO D 262 11.27 -18.31 17.67
C PRO D 262 12.23 -18.95 16.69
N GLY D 263 13.26 -19.59 17.24
CA GLY D 263 14.27 -20.28 16.46
C GLY D 263 15.01 -19.39 15.49
N THR D 264 15.28 -18.15 15.91
CA THR D 264 16.06 -17.19 15.15
C THR D 264 17.31 -16.78 15.93
N GLY D 265 17.68 -17.57 16.94
CA GLY D 265 18.90 -17.33 17.72
C GLY D 265 18.63 -16.70 19.08
N ALA D 266 19.70 -16.62 19.87
CA ALA D 266 19.66 -16.23 21.28
C ALA D 266 19.14 -14.79 21.54
N ASP D 267 19.50 -13.85 20.67
CA ASP D 267 19.23 -12.42 20.87
C ASP D 267 18.20 -11.88 19.90
N PRO D 268 17.53 -10.77 20.28
CA PRO D 268 16.51 -10.24 19.37
C PRO D 268 17.12 -9.78 18.05
N LEU D 269 16.27 -9.69 17.03
CA LEU D 269 16.69 -9.32 15.69
C LEU D 269 16.71 -7.80 15.59
N ARG D 270 17.64 -7.28 14.81
CA ARG D 270 17.72 -5.84 14.56
C ARG D 270 16.88 -5.43 13.34
N GLU D 271 16.25 -4.27 13.42
CA GLU D 271 15.55 -3.70 12.28
C GLU D 271 16.48 -3.79 11.10
N GLY D 272 16.04 -4.46 10.04
CA GLY D 272 16.77 -4.50 8.79
C GLY D 272 17.62 -5.73 8.58
N ALA D 273 17.65 -6.65 9.55
CA ALA D 273 18.41 -7.87 9.37
C ALA D 273 17.67 -8.70 8.32
N PRO D 274 18.39 -9.30 7.35
CA PRO D 274 17.71 -10.16 6.40
C PRO D 274 17.08 -11.40 7.06
N LEU D 275 15.92 -11.79 6.54
CA LEU D 275 15.27 -13.02 6.94
C LEU D 275 15.59 -14.09 5.90
N THR D 276 16.61 -14.89 6.18
CA THR D 276 17.15 -15.88 5.22
C THR D 276 17.48 -17.18 5.94
N GLY D 277 17.98 -18.15 5.19
CA GLY D 277 18.40 -19.44 5.74
C GLY D 277 17.25 -20.39 5.91
N ASP D 278 17.55 -21.57 6.46
CA ASP D 278 16.54 -22.62 6.66
C ASP D 278 15.31 -22.13 7.44
N ARG D 279 15.51 -21.19 8.36
CA ARG D 279 14.42 -20.66 9.21
C ARG D 279 13.33 -19.91 8.41
N PHE D 280 13.74 -19.24 7.33
CA PHE D 280 12.83 -18.54 6.42
C PHE D 280 13.13 -19.01 5.00
N PRO D 281 12.92 -20.32 4.75
CA PRO D 281 13.40 -20.94 3.51
C PRO D 281 12.77 -20.41 2.23
N LEU D 282 13.57 -20.30 1.18
CA LEU D 282 13.07 -20.06 -0.18
C LEU D 282 12.03 -21.12 -0.58
N LEU D 283 10.99 -20.71 -1.29
CA LEU D 283 9.99 -21.66 -1.78
C LEU D 283 10.46 -22.43 -3.01
N ARG D 284 11.46 -21.89 -3.69
CA ARG D 284 11.87 -22.41 -4.99
C ARG D 284 12.83 -23.62 -4.93
FE FE E . 5.42 13.36 -7.56
C1 AKG F . 6.52 13.42 -10.09
O1 AKG F . 6.75 13.30 -11.32
O2 AKG F . 5.96 12.51 -9.45
C2 AKG F . 6.95 14.64 -9.39
O5 AKG F . 6.55 14.92 -8.25
C3 AKG F . 7.88 15.54 -10.19
C4 AKG F . 8.37 16.75 -9.39
C5 AKG F . 9.25 17.71 -10.16
O3 AKG F . 9.64 18.75 -9.57
O4 AKG F . 9.52 17.47 -11.37
CAR 5R6 G . 2.26 23.56 -1.17
CBN 5R6 G . 3.07 24.38 -0.26
OAL 5R6 G . 4.00 23.50 0.47
CBR 5R6 G . 2.17 25.34 0.59
OAM 5R6 G . 2.43 26.63 0.03
CBM 5R6 G . 0.62 25.15 0.45
CAB 5R6 G . -0.20 25.85 1.53
OAW 5R6 G . 0.24 23.76 0.42
CBP 5R6 G . 1.03 22.91 -0.48
OAX 5R6 G . 0.25 22.34 -1.55
CBQ 5R6 G . -0.74 22.93 -2.46
CAT 5R6 G . -0.74 24.45 -2.75
CBW 5R6 G . -2.05 24.80 -3.52
CAE 5R6 G . -2.05 26.27 -4.01
OAO 5R6 G . -3.10 24.69 -2.60
CBF 5R6 G . -0.80 22.15 -3.66
CBB 5R6 G . -0.15 20.90 -3.78
OAK 5R6 G . 0.60 20.48 -2.75
CBK 5R6 G . -0.22 20.08 -4.90
CBH 5R6 G . 0.43 18.85 -4.96
OAI 5R6 G . 1.16 18.47 -4.02
CBJ 5R6 G . 0.29 18.05 -6.10
CBA 5R6 G . 0.92 16.82 -6.18
OAJ 5R6 G . 1.71 16.47 -5.12
CAP 5R6 G . 0.80 16.02 -7.27
CBD 5R6 G . 0.06 16.40 -8.37
CBX 5R6 G . -0.13 15.55 -9.50
CAF 5R6 G . -0.53 14.12 -9.03
OAY 5R6 G . -1.34 15.92 -10.24
CBS 5R6 G . 1.03 15.50 -10.46
OAN 5R6 G . 0.72 14.59 -11.55
CBT 5R6 G . 1.28 16.90 -11.00
NBV 5R6 G . 2.32 16.85 -12.03
CAD 5R6 G . 2.61 18.20 -12.56
CAC 5R6 G . 3.58 16.18 -11.63
CAS 5R6 G . -0.04 17.58 -11.50
CBO 5R6 G . -1.31 17.25 -10.63
OAV 5R6 G . -1.32 17.98 -9.40
CBE 5R6 G . -0.57 17.62 -8.32
CBL 5R6 G . -0.48 18.47 -7.20
CBG 5R6 G . -1.14 19.70 -7.13
OAH 5R6 G . -1.81 20.10 -8.06
CBI 5R6 G . -1.01 20.49 -5.97
CAQ 5R6 G . -1.67 21.73 -5.85
CBC 5R6 G . -1.59 22.58 -4.72
CBU 5R6 G . -2.36 23.79 -4.69
CAZ 5R6 G . -3.79 23.43 -4.52
OAG 5R6 G . -4.70 24.15 -4.95
OAU 5R6 G . -4.09 22.32 -3.72
CAA 5R6 G . -5.42 22.20 -3.15
FE FE H . 34.87 16.71 6.90
C1 AKG I . 33.89 15.74 9.33
O1 AKG I . 34.72 15.28 8.46
O2 AKG I . 33.78 15.31 10.53
C2 AKG I . 32.98 16.86 8.94
O5 AKG I . 33.21 17.44 7.91
C3 AKG I . 31.83 17.33 9.81
C4 AKG I . 30.99 18.44 9.17
C5 AKG I . 29.94 19.01 10.13
O3 AKG I . 29.77 18.43 11.25
O4 AKG I . 29.25 20.05 9.81
CAR 5R6 J . 36.06 28.99 1.51
CBN 5R6 J . 35.19 30.01 2.21
OAL 5R6 J . 33.78 29.82 1.91
CBR 5R6 J . 35.70 31.38 1.74
OAM 5R6 J . 34.88 32.43 2.35
CBM 5R6 J . 37.26 31.59 2.06
CAB 5R6 J . 38.06 32.22 0.90
OAW 5R6 J . 37.98 30.35 2.41
CBP 5R6 J . 37.43 28.98 2.20
OAX 5R6 J . 37.21 28.20 3.42
CBQ 5R6 J . 37.91 28.66 4.59
CAT 5R6 J . 37.24 29.79 5.30
CBW 5R6 J . 38.24 30.45 6.26
CAE 5R6 J . 37.46 31.26 7.28
OAO 5R6 J . 39.07 31.37 5.50
CBF 5R6 J . 38.20 27.64 5.49
CBB 5R6 J . 37.92 26.30 5.22
OAK 5R6 J . 37.28 25.96 4.07
CBK 5R6 J . 38.27 25.29 6.10
CBH 5R6 J . 37.95 23.97 5.79
OAI 5R6 J . 37.35 23.66 4.74
CBJ 5R6 J . 38.34 22.99 6.70
CBA 5R6 J . 38.05 21.65 6.42
OAJ 5R6 J . 37.38 21.34 5.27
CAP 5R6 J . 38.42 20.67 7.31
CBD 5R6 J . 39.10 20.98 8.51
CBX 5R6 J . 39.50 19.98 9.39
CAF 5R6 J . 40.28 18.87 8.63
OAY 5R6 J . 40.43 20.44 10.35
CBS 5R6 J . 38.39 19.47 10.17
OAN 5R6 J . 38.87 18.38 11.00
CBT 5R6 J . 37.76 20.59 11.04
NBV 5R6 J . 36.73 20.04 12.00
CAD 5R6 J . 35.88 18.96 11.47
CAC 5R6 J . 36.19 21.09 12.99
CAS 5R6 J . 38.83 21.49 11.75
CBO 5R6 J . 40.11 21.66 10.98
OAV 5R6 J . 40.03 22.67 9.95
CBE 5R6 J . 39.37 22.32 8.79
CBL 5R6 J . 39.00 23.33 7.91
CBG 5R6 J . 39.29 24.66 8.19
OAH 5R6 J . 39.86 24.97 9.23
CBI 5R6 J . 38.94 25.65 7.28
CAQ 5R6 J . 39.24 26.99 7.56
CBC 5R6 J . 38.89 28.00 6.66
CBU 5R6 J . 39.19 29.36 7.00
CAZ 5R6 J . 40.59 29.72 6.88
OAG 5R6 J . 41.15 30.41 7.76
OAU 5R6 J . 41.22 29.37 5.69
CAA 5R6 J . 42.54 28.82 5.86
FE FE K . -36.81 -13.13 -3.10
C1 AKG L . -36.84 -10.38 -3.12
O1 AKG L . -36.92 -9.16 -3.47
O2 AKG L . -37.09 -11.35 -3.87
C2 AKG L . -36.41 -10.73 -1.74
O5 AKG L . -36.23 -11.93 -1.51
C3 AKG L . -36.26 -9.64 -0.68
C4 AKG L . -35.86 -10.20 0.68
C5 AKG L . -35.69 -9.13 1.75
O3 AKG L . -35.47 -9.50 2.96
O4 AKG L . -35.83 -7.92 1.40
CAR 5R6 M . -40.19 -19.58 6.69
CBN 5R6 M . -39.20 -19.56 7.93
OAL 5R6 M . -37.80 -19.42 7.49
CBR 5R6 M . -39.41 -20.75 8.92
OAM 5R6 M . -39.75 -20.18 10.16
CBM 5R6 M . -40.58 -21.71 8.54
CAB 5R6 M . -40.63 -22.96 9.42
OAW 5R6 M . -40.42 -22.11 7.16
CBP 5R6 M . -40.62 -21.01 6.21
OAX 5R6 M . -42.02 -21.22 5.88
CBQ 5R6 M . -43.18 -20.37 5.73
CAT 5R6 M . -43.65 -19.64 7.05
CBW 5R6 M . -45.16 -19.29 6.94
CAE 5R6 M . -45.55 -18.14 7.89
OAO 5R6 M . -45.88 -20.47 7.33
CBF 5R6 M . -43.23 -19.45 4.65
CBB 5R6 M . -42.26 -19.17 3.65
OAK 5R6 M . -41.04 -19.80 3.59
CBK 5R6 M . -42.51 -18.22 2.64
CBH 5R6 M . -41.56 -17.92 1.66
OAI 5R6 M . -40.49 -18.54 1.72
CBJ 5R6 M . -41.84 -16.96 0.63
CBA 5R6 M . -40.91 -16.66 -0.41
OAJ 5R6 M . -39.69 -17.32 -0.39
CAP 5R6 M . -41.21 -15.70 -1.40
CBD 5R6 M . -42.44 -15.00 -1.40
CBX 5R6 M . -42.85 -14.06 -2.40
CAF 5R6 M . -42.55 -14.58 -3.82
OAY 5R6 M . -44.31 -13.92 -2.46
CBS 5R6 M . -42.34 -12.71 -2.23
OAN 5R6 M . -42.93 -11.89 -3.27
CBT 5R6 M . -42.73 -12.07 -0.89
NBV 5R6 M . -42.33 -10.63 -0.99
CAD 5R6 M . -40.85 -10.36 -1.11
CAC 5R6 M . -42.60 -10.14 0.43
CAS 5R6 M . -44.29 -12.28 -0.62
CBO 5R6 M . -44.87 -13.57 -1.18
OAV 5R6 M . -44.57 -14.67 -0.31
CBE 5R6 M . -43.35 -15.33 -0.36
CBL 5R6 M . -43.09 -16.29 0.63
CBG 5R6 M . -44.03 -16.59 1.65
OAH 5R6 M . -45.13 -16.03 1.74
CBI 5R6 M . -43.73 -17.54 2.62
CAQ 5R6 M . -44.67 -17.79 3.59
CBC 5R6 M . -44.46 -18.74 4.58
CBU 5R6 M . -45.57 -18.90 5.48
CAZ 5R6 M . -46.58 -19.82 4.88
OAG 5R6 M . -47.78 -19.69 5.16
OAU 5R6 M . -46.16 -20.84 4.02
CAA 5R6 M . -47.10 -21.32 3.01
FE FE N . -5.98 -12.70 8.61
C1 AKG O . -5.52 -15.43 8.06
O1 AKG O . -5.00 -14.34 7.76
O2 AKG O . -5.03 -16.55 7.73
C2 AKG O . -6.76 -15.38 8.82
O5 AKG O . -7.11 -14.29 9.24
C3 AKG O . -7.54 -16.67 9.07
C4 AKG O . -8.79 -16.47 9.89
C5 AKG O . -9.51 -17.76 10.21
O3 AKG O . -9.16 -18.86 9.66
O4 AKG O . -10.46 -17.71 11.04
CAR 5R6 P . -10.72 -6.24 19.88
CBN 5R6 P . -11.95 -7.09 20.09
OAL 5R6 P . -13.13 -6.31 20.04
CBR 5R6 P . -12.01 -7.89 21.34
OAM 5R6 P . -12.30 -9.26 21.00
CBM 5R6 P . -10.78 -7.84 22.24
CAB 5R6 P . -11.27 -7.33 23.59
OAW 5R6 P . -9.75 -6.97 21.80
CBP 5R6 P . -9.50 -6.88 20.45
OAX 5R6 P . -9.16 -8.13 19.81
CBQ 5R6 P . -7.94 -8.49 20.42
CAT 5R6 P . -8.29 -9.25 21.70
CBW 5R6 P . -7.14 -9.33 22.65
CAE 5R6 P . -7.56 -10.17 23.83
OAO 5R6 P . -6.92 -7.95 23.02
CBF 5R6 P . -6.88 -9.15 19.78
CBB 5R6 P . -6.85 -9.16 18.39
OAK 5R6 P . -7.77 -8.45 17.72
CBK 5R6 P . -5.92 -9.84 17.65
CBH 5R6 P . -5.93 -9.79 16.24
OAI 5R6 P . -6.80 -9.13 15.65
CBJ 5R6 P . -4.97 -10.48 15.52
CBA 5R6 P . -4.98 -10.44 14.09
OAJ 5R6 P . -5.92 -9.69 13.52
CAP 5R6 P . -4.01 -11.12 13.37
CBD 5R6 P . -3.05 -11.90 14.00
CBX 5R6 P . -1.99 -12.56 13.29
CAF 5R6 P . -1.44 -11.65 12.25
OAY 5R6 P . -0.89 -12.89 14.12
CBS 5R6 P . -2.36 -13.82 12.63
OAN 5R6 P . -1.17 -14.39 11.92
CBT 5R6 P . -2.90 -14.79 13.68
NBV 5R6 P . -3.03 -16.13 13.08
CAD 5R6 P . -4.11 -16.13 12.00
CAC 5R6 P . -3.24 -17.44 13.81
CAS 5R6 P . -2.01 -14.87 14.94
CBO 5R6 P . -1.28 -13.55 15.30
OAV 5R6 P . -2.14 -12.67 16.03
CBE 5R6 P . -3.06 -11.92 15.41
CBL 5R6 P . -3.99 -11.25 16.20
CBG 5R6 P . -3.99 -11.31 17.64
OAH 5R6 P . -3.20 -11.95 18.32
CBI 5R6 P . -4.96 -10.60 18.34
CAQ 5R6 P . -4.97 -10.63 19.74
CBC 5R6 P . -5.92 -9.92 20.49
CBU 5R6 P . -5.91 -10.01 21.93
CAZ 5R6 P . -4.75 -9.49 22.60
OAG 5R6 P . -4.02 -10.21 23.27
OAU 5R6 P . -4.61 -8.15 22.48
CAA 5R6 P . -3.26 -7.86 22.16
#